data_6F55
#
_entry.id   6F55
#
_cell.length_a   1.000
_cell.length_b   1.000
_cell.length_c   1.000
_cell.angle_alpha   90.00
_cell.angle_beta   90.00
_cell.angle_gamma   90.00
#
_symmetry.space_group_name_H-M   'P 1'
#
loop_
_entity.id
_entity.type
_entity.pdbx_description
1 polymer 'PACSIN 3'
2 polymer PRR
#
loop_
_entity_poly.entity_id
_entity_poly.type
_entity_poly.pdbx_seq_one_letter_code
_entity_poly.pdbx_strand_id
1 'polypeptide(L)' MKVPGVRVRALYDYTGQEADELSFKAGEELMKISEEDEQGWCKGRLLTGHVGLYPANYVEKVGLAAA A
2 'polypeptide(L)' TKGPAPNPPPILKVW B
#
# COMPACT_ATOMS: atom_id res chain seq x y z
N MET A 1 -15.79 -4.67 -15.42
CA MET A 1 -14.43 -4.23 -15.09
C MET A 1 -14.47 -2.73 -14.88
N LYS A 2 -14.48 -2.28 -13.62
CA LYS A 2 -14.53 -0.87 -13.26
C LYS A 2 -13.36 -0.47 -12.37
N VAL A 3 -12.95 -1.34 -11.44
CA VAL A 3 -11.83 -1.07 -10.54
C VAL A 3 -11.00 -2.36 -10.44
N PRO A 4 -10.13 -2.66 -11.42
CA PRO A 4 -9.29 -3.86 -11.36
C PRO A 4 -8.22 -3.63 -10.27
N GLY A 5 -7.44 -4.65 -9.92
CA GLY A 5 -6.42 -4.51 -8.91
C GLY A 5 -5.34 -3.57 -9.44
N VAL A 6 -4.86 -2.65 -8.60
CA VAL A 6 -3.82 -1.73 -9.04
C VAL A 6 -2.56 -2.36 -8.46
N ARG A 7 -1.66 -2.79 -9.34
CA ARG A 7 -0.43 -3.45 -8.96
C ARG A 7 0.60 -2.45 -8.42
N VAL A 8 0.98 -2.59 -7.15
CA VAL A 8 2.00 -1.73 -6.54
C VAL A 8 2.99 -2.62 -5.80
N ARG A 9 4.17 -2.08 -5.52
CA ARG A 9 5.27 -2.76 -4.84
C ARG A 9 5.75 -1.88 -3.70
N ALA A 10 6.02 -2.48 -2.55
CA ALA A 10 6.51 -1.69 -1.41
C ALA A 10 7.98 -1.41 -1.54
N LEU A 11 8.35 -0.16 -1.21
CA LEU A 11 9.72 0.35 -1.24
C LEU A 11 10.51 -0.10 0.00
N TYR A 12 9.84 -0.59 1.03
CA TYR A 12 10.40 -1.05 2.30
C TYR A 12 9.51 -2.18 2.84
N ASP A 13 9.93 -2.81 3.93
CA ASP A 13 9.24 -3.92 4.59
C ASP A 13 8.58 -3.39 5.87
N TYR A 14 7.25 -3.24 5.87
CA TYR A 14 6.44 -2.74 6.99
C TYR A 14 5.22 -3.66 7.20
N THR A 15 4.62 -3.67 8.40
CA THR A 15 3.48 -4.53 8.70
C THR A 15 2.35 -3.76 9.41
N GLY A 16 1.53 -3.07 8.61
CA GLY A 16 0.38 -2.33 9.09
C GLY A 16 0.72 -1.34 10.21
N GLN A 17 -0.31 -0.91 10.93
CA GLN A 17 -0.19 -0.03 12.09
C GLN A 17 -0.95 -0.61 13.29
N GLU A 18 -1.90 -1.52 13.03
CA GLU A 18 -2.73 -2.22 13.99
C GLU A 18 -2.97 -3.62 13.39
N ALA A 19 -3.69 -4.48 14.11
CA ALA A 19 -4.01 -5.85 13.69
C ALA A 19 -5.03 -5.94 12.54
N ASP A 20 -5.58 -4.83 12.04
CA ASP A 20 -6.56 -4.81 10.95
C ASP A 20 -5.93 -4.44 9.60
N GLU A 21 -4.64 -4.18 9.60
CA GLU A 21 -3.89 -3.79 8.42
C GLU A 21 -3.12 -4.99 7.88
N LEU A 22 -2.79 -4.92 6.60
CA LEU A 22 -2.05 -5.91 5.81
C LEU A 22 -0.57 -5.83 6.15
N SER A 23 0.14 -6.88 5.77
CA SER A 23 1.57 -6.99 5.96
C SER A 23 2.18 -7.26 4.60
N PHE A 24 3.20 -6.50 4.19
CA PHE A 24 3.87 -6.72 2.92
C PHE A 24 5.37 -6.79 3.19
N LYS A 25 6.15 -7.26 2.21
CA LYS A 25 7.60 -7.41 2.31
C LYS A 25 8.21 -6.41 1.32
N ALA A 26 9.49 -6.06 1.51
CA ALA A 26 10.17 -5.15 0.61
C ALA A 26 10.22 -5.82 -0.76
N GLY A 27 9.62 -5.21 -1.78
CA GLY A 27 9.58 -5.75 -3.12
C GLY A 27 8.37 -6.65 -3.40
N GLU A 28 7.55 -6.95 -2.38
CA GLU A 28 6.35 -7.78 -2.53
C GLU A 28 5.35 -6.98 -3.38
N GLU A 29 4.39 -7.63 -4.01
CA GLU A 29 3.38 -6.99 -4.84
C GLU A 29 2.01 -7.16 -4.22
N LEU A 30 1.21 -6.10 -4.23
CA LEU A 30 -0.13 -6.07 -3.68
C LEU A 30 -1.06 -5.40 -4.70
N MET A 31 -2.37 -5.67 -4.59
CA MET A 31 -3.37 -5.14 -5.47
C MET A 31 -4.33 -4.26 -4.70
N LYS A 32 -4.29 -2.94 -4.89
CA LYS A 32 -5.23 -2.08 -4.19
C LYS A 32 -6.61 -2.36 -4.75
N ILE A 33 -7.64 -2.26 -3.91
CA ILE A 33 -9.00 -2.51 -4.32
C ILE A 33 -9.94 -1.34 -3.96
N SER A 34 -9.55 -0.48 -3.02
CA SER A 34 -10.32 0.68 -2.58
C SER A 34 -9.45 1.93 -2.78
N GLU A 35 -9.94 3.11 -2.42
CA GLU A 35 -9.21 4.36 -2.58
C GLU A 35 -8.42 4.79 -1.33
N GLU A 36 -7.60 5.81 -1.52
CA GLU A 36 -6.76 6.41 -0.50
C GLU A 36 -7.58 7.29 0.44
N ASP A 37 -7.14 7.35 1.69
CA ASP A 37 -7.72 8.13 2.78
C ASP A 37 -6.88 9.36 3.02
N GLU A 38 -7.35 10.26 3.88
CA GLU A 38 -6.67 11.50 4.24
C GLU A 38 -5.30 11.22 4.91
N GLN A 39 -5.12 10.05 5.51
CA GLN A 39 -3.90 9.59 6.19
C GLN A 39 -2.98 8.80 5.22
N GLY A 40 -3.31 8.77 3.94
CA GLY A 40 -2.52 8.05 2.93
C GLY A 40 -2.69 6.54 3.11
N TRP A 41 -3.81 6.11 3.70
CA TRP A 41 -4.14 4.72 3.93
C TRP A 41 -4.86 4.21 2.68
N CYS A 42 -4.57 2.99 2.22
CA CYS A 42 -5.23 2.41 1.05
C CYS A 42 -5.65 0.99 1.41
N LYS A 43 -6.85 0.60 1.00
CA LYS A 43 -7.37 -0.74 1.26
C LYS A 43 -7.11 -1.57 0.02
N GLY A 44 -6.58 -2.78 0.19
CA GLY A 44 -6.26 -3.66 -0.91
C GLY A 44 -6.22 -5.11 -0.52
N ARG A 45 -5.78 -5.93 -1.47
CA ARG A 45 -5.66 -7.36 -1.36
C ARG A 45 -4.29 -7.85 -1.80
N LEU A 46 -3.69 -8.68 -0.97
CA LEU A 46 -2.40 -9.28 -1.31
C LEU A 46 -2.69 -10.39 -2.32
N LEU A 47 -1.66 -10.87 -3.01
CA LEU A 47 -1.82 -11.95 -3.99
C LEU A 47 -2.33 -13.26 -3.35
N THR A 48 -2.21 -13.39 -2.02
CA THR A 48 -2.68 -14.56 -1.26
C THR A 48 -4.18 -14.42 -0.91
N GLY A 49 -4.81 -13.30 -1.30
CA GLY A 49 -6.22 -13.01 -1.06
C GLY A 49 -6.47 -12.29 0.28
N HIS A 50 -5.41 -12.03 1.07
CA HIS A 50 -5.53 -11.34 2.35
C HIS A 50 -6.06 -9.94 2.10
N VAL A 51 -6.93 -9.45 2.99
CA VAL A 51 -7.57 -8.14 2.91
C VAL A 51 -7.16 -7.26 4.10
N GLY A 52 -7.14 -5.94 3.89
CA GLY A 52 -6.82 -4.99 4.94
C GLY A 52 -6.37 -3.65 4.35
N LEU A 53 -5.84 -2.79 5.22
CA LEU A 53 -5.31 -1.48 4.89
C LEU A 53 -3.78 -1.62 4.79
N TYR A 54 -3.12 -0.87 3.91
CA TYR A 54 -1.67 -0.87 3.70
C TYR A 54 -1.26 0.60 3.57
N PRO A 55 -0.10 1.01 4.11
CA PRO A 55 0.31 2.40 4.00
C PRO A 55 0.67 2.73 2.56
N ALA A 56 -0.19 3.48 1.86
CA ALA A 56 0.01 3.88 0.47
C ALA A 56 1.33 4.64 0.31
N ASN A 57 1.68 5.44 1.32
CA ASN A 57 2.89 6.25 1.34
C ASN A 57 4.18 5.42 1.31
N TYR A 58 4.13 4.10 1.50
CA TYR A 58 5.29 3.22 1.52
C TYR A 58 5.41 2.36 0.25
N VAL A 59 4.53 2.55 -0.74
CA VAL A 59 4.55 1.78 -1.98
C VAL A 59 4.39 2.67 -3.22
N GLU A 60 4.60 2.09 -4.40
CA GLU A 60 4.47 2.78 -5.69
C GLU A 60 4.13 1.75 -6.76
N LYS A 61 3.65 2.19 -7.92
CA LYS A 61 3.28 1.31 -9.01
C LYS A 61 4.48 0.63 -9.59
N VAL A 62 4.20 -0.50 -10.23
CA VAL A 62 5.18 -1.32 -10.91
C VAL A 62 4.48 -1.86 -12.17
N GLY A 63 3.77 -0.95 -12.85
CA GLY A 63 3.01 -1.23 -14.04
C GLY A 63 3.76 -0.88 -15.30
N LEU A 64 3.85 0.39 -15.65
CA LEU A 64 4.52 0.91 -16.83
C LEU A 64 5.34 2.13 -16.45
N ALA A 65 6.06 2.74 -17.40
CA ALA A 65 6.85 3.92 -17.12
C ALA A 65 5.90 5.07 -16.73
N ALA A 66 6.44 6.18 -16.19
CA ALA A 66 5.62 7.32 -15.79
C ALA A 66 4.96 8.01 -17.01
N ALA A 67 5.49 7.70 -18.21
CA ALA A 67 5.19 8.10 -19.57
C ALA A 67 6.41 8.85 -20.06
N THR B 1 -10.03 8.77 9.13
CA THR B 1 -9.53 7.48 8.66
C THR B 1 -9.79 6.41 9.73
N LYS B 2 -9.44 5.14 9.48
CA LYS B 2 -9.62 4.07 10.45
C LYS B 2 -8.76 4.37 11.67
N GLY B 3 -7.43 4.36 11.50
CA GLY B 3 -6.46 4.64 12.56
C GLY B 3 -5.32 5.52 12.05
N PRO B 4 -4.57 6.19 12.94
CA PRO B 4 -3.46 7.06 12.56
C PRO B 4 -2.30 6.23 12.01
N ALA B 5 -2.15 6.27 10.69
CA ALA B 5 -1.16 5.61 9.87
C ALA B 5 0.30 5.77 10.35
N PRO B 6 1.24 4.99 9.77
CA PRO B 6 2.66 5.07 10.11
C PRO B 6 3.33 6.33 9.52
N ASN B 7 2.57 7.00 8.69
CA ASN B 7 2.86 8.24 7.96
C ASN B 7 3.42 9.32 8.90
N PRO B 8 4.22 10.28 8.40
CA PRO B 8 4.66 10.44 7.02
C PRO B 8 5.60 9.30 6.58
N PRO B 9 5.91 9.16 5.28
CA PRO B 9 6.80 8.11 4.81
C PRO B 9 8.20 8.23 5.43
N PRO B 10 9.01 7.16 5.43
CA PRO B 10 10.33 7.15 6.03
C PRO B 10 11.39 7.88 5.20
N ILE B 11 11.67 7.42 3.98
CA ILE B 11 12.70 8.01 3.10
C ILE B 11 12.17 8.05 1.64
N LEU B 12 13.05 7.79 0.66
CA LEU B 12 12.85 7.74 -0.79
C LEU B 12 11.87 8.80 -1.32
N LYS B 13 12.32 10.06 -1.40
CA LYS B 13 11.53 11.19 -1.90
C LYS B 13 12.40 12.32 -2.43
N VAL B 14 13.08 13.02 -1.53
CA VAL B 14 13.95 14.17 -1.77
C VAL B 14 15.11 13.89 -2.70
N TRP B 15 15.56 12.63 -2.75
CA TRP B 15 16.68 12.21 -3.59
C TRP B 15 17.88 13.09 -3.25
N MET A 1 -16.58 4.25 -16.29
CA MET A 1 -15.55 4.18 -15.25
C MET A 1 -15.60 2.87 -14.49
N LYS A 2 -14.41 2.30 -14.22
CA LYS A 2 -14.14 1.06 -13.49
C LYS A 2 -12.74 1.22 -12.90
N VAL A 3 -12.38 0.45 -11.87
CA VAL A 3 -11.05 0.54 -11.26
C VAL A 3 -10.53 -0.85 -10.88
N PRO A 4 -9.71 -1.51 -11.72
CA PRO A 4 -9.14 -2.80 -11.38
C PRO A 4 -8.08 -2.59 -10.29
N GLY A 5 -7.59 -3.69 -9.70
CA GLY A 5 -6.59 -3.58 -8.66
C GLY A 5 -5.33 -2.92 -9.22
N VAL A 6 -4.68 -2.06 -8.43
CA VAL A 6 -3.46 -1.37 -8.87
C VAL A 6 -2.30 -2.13 -8.24
N ARG A 7 -1.45 -2.75 -9.07
CA ARG A 7 -0.29 -3.49 -8.56
C ARG A 7 0.71 -2.44 -8.09
N VAL A 8 1.17 -2.52 -6.85
CA VAL A 8 2.12 -1.57 -6.28
C VAL A 8 3.17 -2.38 -5.51
N ARG A 9 4.45 -2.00 -5.61
CA ARG A 9 5.57 -2.68 -4.96
C ARG A 9 6.01 -1.92 -3.74
N ALA A 10 6.22 -2.66 -2.66
CA ALA A 10 6.67 -2.15 -1.38
C ALA A 10 8.17 -1.89 -1.45
N LEU A 11 8.60 -0.64 -1.24
CA LEU A 11 10.03 -0.31 -1.26
C LEU A 11 10.66 -0.47 0.12
N TYR A 12 9.87 -0.59 1.18
CA TYR A 12 10.28 -0.75 2.58
C TYR A 12 9.52 -1.95 3.13
N ASP A 13 9.85 -2.40 4.33
CA ASP A 13 9.22 -3.56 4.98
C ASP A 13 8.55 -3.19 6.30
N TYR A 14 7.22 -3.13 6.31
CA TYR A 14 6.39 -2.79 7.46
C TYR A 14 5.17 -3.71 7.50
N THR A 15 4.54 -3.90 8.67
CA THR A 15 3.36 -4.76 8.83
C THR A 15 2.24 -3.98 9.52
N GLY A 16 1.52 -3.18 8.72
CA GLY A 16 0.39 -2.37 9.18
C GLY A 16 0.77 -1.50 10.37
N GLN A 17 -0.25 -0.98 11.06
CA GLN A 17 -0.12 -0.20 12.29
C GLN A 17 -1.04 -0.77 13.38
N GLU A 18 -1.84 -1.80 13.06
CA GLU A 18 -2.78 -2.48 13.95
C GLU A 18 -2.91 -3.92 13.39
N ALA A 19 -3.59 -4.83 14.10
CA ALA A 19 -3.78 -6.21 13.67
C ALA A 19 -4.90 -6.38 12.62
N ASP A 20 -5.81 -5.41 12.50
CA ASP A 20 -6.91 -5.44 11.55
C ASP A 20 -6.50 -4.87 10.17
N GLU A 21 -5.21 -4.60 10.01
CA GLU A 21 -4.57 -4.04 8.83
C GLU A 21 -3.77 -5.15 8.11
N LEU A 22 -3.26 -4.83 6.91
CA LEU A 22 -2.46 -5.68 6.03
C LEU A 22 -1.01 -5.74 6.50
N SER A 23 -0.21 -6.53 5.80
CA SER A 23 1.20 -6.74 6.07
C SER A 23 1.87 -7.05 4.73
N PHE A 24 2.97 -6.39 4.38
CA PHE A 24 3.70 -6.65 3.15
C PHE A 24 5.21 -6.62 3.46
N LYS A 25 6.09 -6.90 2.50
CA LYS A 25 7.54 -6.90 2.69
C LYS A 25 8.19 -6.17 1.54
N ALA A 26 9.43 -5.67 1.69
CA ALA A 26 10.10 -4.98 0.60
C ALA A 26 10.24 -5.94 -0.59
N GLY A 27 9.64 -5.59 -1.73
CA GLY A 27 9.63 -6.37 -2.96
C GLY A 27 8.28 -7.04 -3.22
N GLU A 28 7.41 -7.13 -2.21
CA GLU A 28 6.10 -7.75 -2.35
C GLU A 28 5.25 -6.82 -3.24
N GLU A 29 4.30 -7.39 -3.97
CA GLU A 29 3.42 -6.63 -4.86
C GLU A 29 1.98 -6.88 -4.47
N LEU A 30 1.34 -5.86 -3.91
CA LEU A 30 -0.05 -5.90 -3.46
C LEU A 30 -0.92 -5.19 -4.51
N MET A 31 -2.23 -5.45 -4.46
CA MET A 31 -3.21 -4.89 -5.38
C MET A 31 -4.19 -4.01 -4.61
N LYS A 32 -4.04 -2.69 -4.71
CA LYS A 32 -4.93 -1.75 -4.04
C LYS A 32 -6.34 -1.92 -4.61
N ILE A 33 -7.40 -1.66 -3.84
CA ILE A 33 -8.77 -1.78 -4.34
C ILE A 33 -9.67 -0.58 -4.01
N SER A 34 -9.20 0.40 -3.23
CA SER A 34 -9.93 1.59 -2.81
C SER A 34 -9.07 2.85 -3.02
N GLU A 35 -9.58 4.03 -2.66
CA GLU A 35 -8.83 5.29 -2.79
C GLU A 35 -7.94 5.52 -1.55
N GLU A 36 -7.05 6.50 -1.60
CA GLU A 36 -6.16 6.87 -0.49
C GLU A 36 -6.87 7.87 0.40
N ASP A 37 -6.62 7.81 1.72
CA ASP A 37 -7.18 8.69 2.74
C ASP A 37 -6.17 9.75 3.19
N GLU A 38 -6.61 10.68 4.03
CA GLU A 38 -5.83 11.77 4.63
C GLU A 38 -4.62 11.29 5.46
N GLN A 39 -4.60 10.01 5.85
CA GLN A 39 -3.51 9.38 6.62
C GLN A 39 -2.61 8.55 5.69
N GLY A 40 -2.83 8.62 4.37
CA GLY A 40 -2.04 7.86 3.43
C GLY A 40 -2.40 6.38 3.56
N TRP A 41 -3.63 6.07 3.99
CA TRP A 41 -4.14 4.73 4.16
C TRP A 41 -4.80 4.32 2.86
N CYS A 42 -4.61 3.05 2.47
CA CYS A 42 -5.20 2.47 1.28
C CYS A 42 -5.66 1.07 1.65
N LYS A 43 -6.82 0.64 1.16
CA LYS A 43 -7.39 -0.68 1.41
C LYS A 43 -7.14 -1.47 0.13
N GLY A 44 -6.67 -2.70 0.28
CA GLY A 44 -6.38 -3.53 -0.87
C GLY A 44 -6.27 -4.99 -0.50
N ARG A 45 -5.87 -5.79 -1.48
CA ARG A 45 -5.66 -7.21 -1.35
C ARG A 45 -4.21 -7.53 -1.70
N LEU A 46 -3.72 -8.69 -1.29
CA LEU A 46 -2.37 -9.16 -1.61
C LEU A 46 -2.50 -10.23 -2.70
N LEU A 47 -1.39 -10.73 -3.24
CA LEU A 47 -1.45 -11.76 -4.28
C LEU A 47 -2.07 -13.05 -3.73
N THR A 48 -1.82 -13.39 -2.46
CA THR A 48 -2.37 -14.58 -1.81
C THR A 48 -3.88 -14.41 -1.52
N GLY A 49 -4.47 -13.24 -1.82
CA GLY A 49 -5.87 -12.98 -1.57
C GLY A 49 -6.12 -12.34 -0.19
N HIS A 50 -5.05 -12.05 0.57
CA HIS A 50 -5.17 -11.44 1.90
C HIS A 50 -5.89 -10.11 1.75
N VAL A 51 -6.60 -9.62 2.77
CA VAL A 51 -7.35 -8.38 2.73
C VAL A 51 -7.06 -7.56 4.00
N GLY A 52 -6.79 -6.27 3.82
CA GLY A 52 -6.51 -5.35 4.93
C GLY A 52 -6.18 -3.94 4.45
N LEU A 53 -5.91 -3.06 5.41
CA LEU A 53 -5.53 -1.66 5.22
C LEU A 53 -4.01 -1.64 5.17
N TYR A 54 -3.39 -1.03 4.18
CA TYR A 54 -1.95 -0.97 4.01
C TYR A 54 -1.55 0.51 3.88
N PRO A 55 -0.40 0.95 4.43
CA PRO A 55 0.01 2.33 4.32
C PRO A 55 0.55 2.64 2.91
N ALA A 56 -0.18 3.46 2.14
CA ALA A 56 0.14 3.88 0.79
C ALA A 56 1.48 4.59 0.72
N ASN A 57 1.89 5.23 1.81
CA ASN A 57 3.16 5.94 1.90
C ASN A 57 4.37 5.01 1.89
N TYR A 58 4.18 3.71 2.13
CA TYR A 58 5.26 2.72 2.17
C TYR A 58 5.28 1.81 0.93
N VAL A 59 4.48 2.12 -0.10
CA VAL A 59 4.40 1.34 -1.33
C VAL A 59 4.44 2.33 -2.49
N GLU A 60 4.85 1.92 -3.69
CA GLU A 60 4.92 2.78 -4.86
C GLU A 60 4.54 1.98 -6.11
N LYS A 61 4.28 2.66 -7.22
CA LYS A 61 3.95 2.00 -8.48
C LYS A 61 5.16 1.24 -8.97
N VAL A 62 4.88 0.26 -9.83
CA VAL A 62 5.89 -0.57 -10.41
C VAL A 62 5.54 -0.88 -11.85
N GLY A 63 4.47 -1.63 -12.09
CA GLY A 63 4.03 -2.00 -13.41
C GLY A 63 5.06 -2.84 -14.16
N LEU A 64 4.80 -3.02 -15.46
CA LEU A 64 5.66 -3.76 -16.36
C LEU A 64 6.92 -2.94 -16.61
N ALA A 65 7.94 -3.56 -17.22
CA ALA A 65 9.19 -2.89 -17.54
C ALA A 65 9.06 -2.04 -18.82
N ALA A 66 8.15 -1.06 -18.82
CA ALA A 66 7.89 -0.15 -19.93
C ALA A 66 7.03 1.03 -19.47
N ALA A 67 7.15 2.18 -20.13
CA ALA A 67 6.41 3.41 -19.85
C ALA A 67 6.31 3.69 -18.35
N THR B 1 -10.25 5.14 6.32
CA THR B 1 -9.39 5.15 7.50
C THR B 1 -10.21 4.75 8.73
N LYS B 2 -9.51 4.31 9.78
CA LYS B 2 -10.07 3.87 11.06
C LYS B 2 -9.09 4.10 12.22
N GLY B 3 -7.99 4.80 11.99
CA GLY B 3 -6.96 5.11 12.98
C GLY B 3 -5.75 5.71 12.25
N PRO B 4 -4.81 6.30 12.99
CA PRO B 4 -3.63 6.91 12.41
C PRO B 4 -2.63 5.85 11.94
N ALA B 5 -2.23 6.01 10.68
CA ALA B 5 -1.28 5.22 9.92
C ALA B 5 0.14 5.38 10.51
N PRO B 6 1.12 4.58 10.07
CA PRO B 6 2.52 4.67 10.54
C PRO B 6 3.31 5.79 9.89
N ASN B 7 2.60 6.55 9.08
CA ASN B 7 3.08 7.70 8.33
C ASN B 7 3.49 8.87 9.22
N PRO B 8 4.18 9.90 8.69
CA PRO B 8 4.65 10.10 7.32
C PRO B 8 5.63 9.01 6.86
N PRO B 9 5.91 8.91 5.55
CA PRO B 9 6.82 7.90 5.01
C PRO B 9 8.27 8.03 5.49
N PRO B 10 9.08 6.96 5.31
CA PRO B 10 10.48 6.95 5.69
C PRO B 10 11.33 7.79 4.74
N ILE B 11 11.57 7.34 3.50
CA ILE B 11 12.38 8.03 2.49
C ILE B 11 11.72 8.00 1.10
N LEU B 12 10.38 7.91 1.06
CA LEU B 12 9.58 7.86 -0.17
C LEU B 12 9.90 9.06 -1.07
N LYS B 13 10.08 10.27 -0.53
CA LYS B 13 10.38 11.46 -1.31
C LYS B 13 11.64 12.16 -0.82
N VAL B 14 12.82 11.80 -1.32
CA VAL B 14 14.06 12.45 -0.93
C VAL B 14 14.08 13.80 -1.67
N TRP B 15 14.25 13.76 -2.99
CA TRP B 15 14.30 14.89 -3.91
C TRP B 15 15.18 16.03 -3.38
N MET A 1 -15.89 2.57 -8.40
CA MET A 1 -16.81 1.56 -8.93
C MET A 1 -16.03 0.50 -9.72
N LYS A 2 -15.93 -0.73 -9.20
CA LYS A 2 -15.24 -1.91 -9.76
C LYS A 2 -14.06 -1.53 -10.65
N VAL A 3 -12.98 -1.04 -10.05
CA VAL A 3 -11.78 -0.64 -10.78
C VAL A 3 -10.77 -1.80 -10.80
N PRO A 4 -9.86 -1.88 -11.79
CA PRO A 4 -8.87 -2.95 -11.84
C PRO A 4 -7.83 -2.74 -10.74
N GLY A 5 -7.10 -3.80 -10.38
CA GLY A 5 -6.07 -3.69 -9.36
C GLY A 5 -4.87 -2.96 -9.94
N VAL A 6 -4.03 -2.38 -9.09
CA VAL A 6 -2.83 -1.67 -9.52
C VAL A 6 -1.64 -2.41 -8.94
N ARG A 7 -0.70 -2.77 -9.81
CA ARG A 7 0.51 -3.47 -9.42
C ARG A 7 1.40 -2.49 -8.65
N VAL A 8 1.69 -2.80 -7.40
CA VAL A 8 2.55 -1.97 -6.55
C VAL A 8 3.56 -2.88 -5.86
N ARG A 9 4.67 -2.32 -5.37
CA ARG A 9 5.75 -3.03 -4.69
C ARG A 9 6.13 -2.20 -3.47
N ALA A 10 6.20 -2.80 -2.29
CA ALA A 10 6.57 -2.09 -1.07
C ALA A 10 8.07 -1.75 -1.07
N LEU A 11 8.40 -0.56 -0.61
CA LEU A 11 9.77 -0.06 -0.52
C LEU A 11 10.37 -0.26 0.87
N TYR A 12 9.58 -0.69 1.87
CA TYR A 12 10.06 -0.93 3.24
C TYR A 12 9.37 -2.20 3.79
N ASP A 13 9.83 -2.70 4.93
CA ASP A 13 9.35 -3.90 5.65
C ASP A 13 8.43 -3.49 6.80
N TYR A 14 7.14 -3.30 6.54
CA TYR A 14 6.15 -2.89 7.55
C TYR A 14 4.92 -3.81 7.51
N THR A 15 4.28 -4.03 8.66
CA THR A 15 3.11 -4.89 8.81
C THR A 15 1.94 -4.12 9.46
N GLY A 16 1.23 -3.37 8.63
CA GLY A 16 0.07 -2.60 9.02
C GLY A 16 0.35 -1.65 10.17
N GLN A 17 -0.72 -1.18 10.82
CA GLN A 17 -0.64 -0.28 11.96
C GLN A 17 -1.43 -0.83 13.14
N GLU A 18 -2.35 -1.77 12.89
CA GLU A 18 -3.20 -2.41 13.87
C GLU A 18 -3.80 -3.66 13.22
N ALA A 19 -4.58 -4.42 14.00
CA ALA A 19 -5.23 -5.67 13.63
C ALA A 19 -6.20 -5.64 12.43
N ASP A 20 -6.47 -4.53 11.74
CA ASP A 20 -7.38 -4.51 10.59
C ASP A 20 -6.65 -4.17 9.29
N GLU A 21 -5.33 -4.04 9.36
CA GLU A 21 -4.48 -3.72 8.25
C GLU A 21 -3.77 -4.97 7.74
N LEU A 22 -3.24 -4.88 6.53
CA LEU A 22 -2.52 -5.90 5.78
C LEU A 22 -1.05 -5.91 6.19
N SER A 23 -0.29 -6.86 5.66
CA SER A 23 1.13 -6.96 5.95
C SER A 23 1.87 -7.29 4.67
N PHE A 24 2.94 -6.55 4.35
CA PHE A 24 3.76 -6.81 3.18
C PHE A 24 5.22 -6.92 3.63
N LYS A 25 6.08 -7.58 2.84
CA LYS A 25 7.50 -7.75 3.14
C LYS A 25 8.29 -6.97 2.10
N ALA A 26 9.58 -6.73 2.37
CA ALA A 26 10.40 -6.02 1.43
C ALA A 26 10.51 -6.87 0.16
N GLY A 27 10.04 -6.37 -0.98
CA GLY A 27 10.04 -7.08 -2.26
C GLY A 27 8.71 -7.76 -2.56
N GLU A 28 7.78 -7.80 -1.62
CA GLU A 28 6.46 -8.39 -1.81
C GLU A 28 5.66 -7.48 -2.76
N GLU A 29 4.64 -8.05 -3.39
CA GLU A 29 3.74 -7.38 -4.29
C GLU A 29 2.32 -7.58 -3.75
N LEU A 30 1.46 -6.63 -4.07
CA LEU A 30 0.06 -6.56 -3.68
C LEU A 30 -0.69 -5.88 -4.81
N MET A 31 -2.03 -5.90 -4.77
CA MET A 31 -2.87 -5.26 -5.78
C MET A 31 -3.74 -4.25 -5.08
N LYS A 32 -3.49 -2.96 -5.30
CA LYS A 32 -4.30 -1.91 -4.70
C LYS A 32 -5.71 -2.07 -5.25
N ILE A 33 -6.75 -1.97 -4.42
CA ILE A 33 -8.12 -2.11 -4.89
C ILE A 33 -9.00 -0.87 -4.73
N SER A 34 -8.63 0.11 -3.91
CA SER A 34 -9.43 1.33 -3.71
C SER A 34 -8.57 2.59 -3.72
N GLU A 35 -9.23 3.75 -3.74
CA GLU A 35 -8.66 5.08 -3.75
C GLU A 35 -8.06 5.43 -2.38
N GLU A 36 -6.98 6.21 -2.38
CA GLU A 36 -6.21 6.64 -1.23
C GLU A 36 -6.94 7.61 -0.29
N ASP A 37 -6.81 7.44 1.03
CA ASP A 37 -7.43 8.31 2.03
C ASP A 37 -6.48 9.50 2.31
N GLU A 38 -6.91 10.47 3.11
CA GLU A 38 -6.12 11.66 3.49
C GLU A 38 -4.82 11.33 4.25
N GLN A 39 -4.68 10.09 4.76
CA GLN A 39 -3.54 9.57 5.50
C GLN A 39 -2.62 8.72 4.58
N GLY A 40 -2.85 8.73 3.26
CA GLY A 40 -2.06 7.94 2.33
C GLY A 40 -2.40 6.45 2.41
N TRP A 41 -3.45 6.10 3.16
CA TRP A 41 -3.92 4.74 3.34
C TRP A 41 -4.55 4.25 2.05
N CYS A 42 -4.42 2.96 1.77
CA CYS A 42 -5.02 2.36 0.59
C CYS A 42 -5.45 0.95 0.94
N LYS A 43 -6.58 0.52 0.40
CA LYS A 43 -7.08 -0.83 0.61
C LYS A 43 -6.64 -1.61 -0.61
N GLY A 44 -6.19 -2.84 -0.40
CA GLY A 44 -5.75 -3.69 -1.49
C GLY A 44 -5.98 -5.15 -1.14
N ARG A 45 -5.56 -6.03 -2.05
CA ARG A 45 -5.67 -7.47 -1.91
C ARG A 45 -4.32 -8.09 -2.23
N LEU A 46 -3.91 -9.01 -1.38
CA LEU A 46 -2.67 -9.75 -1.48
C LEU A 46 -2.83 -10.86 -2.49
N LEU A 47 -1.71 -11.45 -2.93
CA LEU A 47 -1.76 -12.56 -3.89
C LEU A 47 -2.54 -13.73 -3.28
N THR A 48 -2.49 -13.88 -1.96
CA THR A 48 -3.15 -14.90 -1.15
C THR A 48 -4.64 -14.60 -0.94
N GLY A 49 -5.17 -13.52 -1.53
CA GLY A 49 -6.57 -13.12 -1.41
C GLY A 49 -6.89 -12.35 -0.13
N HIS A 50 -5.95 -12.18 0.82
CA HIS A 50 -6.22 -11.45 2.06
C HIS A 50 -6.47 -9.97 1.67
N VAL A 51 -7.28 -9.24 2.43
CA VAL A 51 -7.64 -7.84 2.17
C VAL A 51 -7.55 -7.02 3.44
N GLY A 52 -7.26 -5.73 3.30
CA GLY A 52 -7.14 -4.79 4.42
C GLY A 52 -6.45 -3.52 3.94
N LEU A 53 -6.19 -2.60 4.87
CA LEU A 53 -5.52 -1.32 4.66
C LEU A 53 -4.00 -1.56 4.59
N TYR A 54 -3.27 -0.85 3.75
CA TYR A 54 -1.82 -0.91 3.60
C TYR A 54 -1.38 0.55 3.37
N PRO A 55 -0.29 1.00 3.99
CA PRO A 55 0.16 2.37 3.82
C PRO A 55 0.77 2.54 2.43
N ALA A 56 0.08 3.24 1.54
CA ALA A 56 0.54 3.45 0.18
C ALA A 56 1.84 4.26 0.12
N ASN A 57 2.11 5.06 1.14
CA ASN A 57 3.32 5.87 1.21
C ASN A 57 4.58 5.02 1.30
N TYR A 58 4.45 3.78 1.77
CA TYR A 58 5.55 2.84 1.95
C TYR A 58 5.70 1.94 0.71
N VAL A 59 4.97 2.20 -0.37
CA VAL A 59 5.04 1.43 -1.61
C VAL A 59 5.23 2.39 -2.79
N GLU A 60 5.54 1.84 -3.95
CA GLU A 60 5.74 2.55 -5.20
C GLU A 60 5.15 1.67 -6.30
N LYS A 61 4.83 2.25 -7.47
CA LYS A 61 4.27 1.49 -8.59
C LYS A 61 5.35 0.72 -9.30
N VAL A 62 4.94 -0.33 -10.00
CA VAL A 62 5.82 -1.22 -10.73
C VAL A 62 5.18 -1.61 -12.06
N GLY A 63 5.90 -2.38 -12.88
CA GLY A 63 5.44 -2.85 -14.17
C GLY A 63 5.66 -1.77 -15.20
N LEU A 64 4.64 -0.96 -15.50
CA LEU A 64 4.77 0.10 -16.50
C LEU A 64 5.72 1.20 -16.01
N ALA A 65 6.07 2.11 -16.91
CA ALA A 65 6.97 3.23 -16.69
C ALA A 65 6.35 4.51 -17.26
N ALA A 66 7.05 5.64 -17.07
CA ALA A 66 6.66 6.98 -17.51
C ALA A 66 5.23 7.32 -17.10
N ALA A 67 4.86 6.90 -15.89
CA ALA A 67 3.55 7.09 -15.29
C ALA A 67 3.04 8.51 -15.33
N THR B 1 -11.27 7.55 6.60
CA THR B 1 -10.08 6.92 7.18
C THR B 1 -10.47 6.11 8.42
N LYS B 2 -9.97 4.87 8.53
CA LYS B 2 -10.25 4.00 9.68
C LYS B 2 -9.48 4.52 10.88
N GLY B 3 -8.15 4.41 10.84
CA GLY B 3 -7.24 4.87 11.86
C GLY B 3 -6.07 5.61 11.22
N PRO B 4 -5.23 6.29 12.00
CA PRO B 4 -4.09 7.01 11.45
C PRO B 4 -3.05 6.02 10.91
N ALA B 5 -2.31 6.48 9.91
CA ALA B 5 -1.26 5.80 9.21
C ALA B 5 0.05 5.77 10.01
N PRO B 6 0.99 4.88 9.60
CA PRO B 6 2.31 4.74 10.23
C PRO B 6 3.20 5.95 10.00
N ASN B 7 2.76 6.78 9.08
CA ASN B 7 3.38 8.04 8.66
C ASN B 7 3.75 8.90 9.89
N PRO B 8 4.68 9.87 9.80
CA PRO B 8 5.42 10.30 8.61
C PRO B 8 6.26 9.20 7.95
N PRO B 9 6.51 9.32 6.63
CA PRO B 9 7.26 8.32 5.88
C PRO B 9 8.70 8.15 6.36
N PRO B 10 9.33 6.99 6.09
CA PRO B 10 10.69 6.65 6.48
C PRO B 10 11.78 7.42 5.71
N ILE B 11 12.08 7.03 4.46
CA ILE B 11 13.10 7.65 3.64
C ILE B 11 12.45 8.62 2.66
N LEU B 12 11.60 8.10 1.77
CA LEU B 12 10.83 8.81 0.73
C LEU B 12 11.59 10.04 0.21
N LYS B 13 12.62 9.77 -0.60
CA LYS B 13 13.43 10.82 -1.20
C LYS B 13 12.65 11.32 -2.41
N VAL B 14 12.31 12.60 -2.47
CA VAL B 14 11.57 13.18 -3.57
C VAL B 14 12.18 14.54 -3.92
N TRP B 15 12.31 14.83 -5.22
CA TRP B 15 12.81 16.09 -5.72
C TRP B 15 11.55 16.89 -6.01
N MET A 1 -15.23 -3.76 -10.17
CA MET A 1 -15.18 -2.91 -11.37
C MET A 1 -13.98 -1.99 -11.24
N LYS A 2 -14.11 -0.77 -10.69
CA LYS A 2 -12.95 0.10 -10.53
C LYS A 2 -11.96 -0.61 -9.60
N VAL A 3 -10.66 -0.33 -9.77
CA VAL A 3 -9.54 -0.87 -9.01
C VAL A 3 -9.80 -2.34 -8.61
N PRO A 4 -9.85 -3.29 -9.56
CA PRO A 4 -10.13 -4.69 -9.24
C PRO A 4 -8.91 -5.46 -8.70
N GLY A 5 -7.70 -4.93 -8.85
CA GLY A 5 -6.44 -5.51 -8.43
C GLY A 5 -5.36 -4.84 -9.28
N VAL A 6 -4.81 -3.73 -8.82
CA VAL A 6 -3.77 -2.97 -9.52
C VAL A 6 -2.44 -3.33 -8.84
N ARG A 7 -1.51 -3.94 -9.58
CA ARG A 7 -0.22 -4.35 -9.02
C ARG A 7 0.60 -3.16 -8.51
N VAL A 8 1.16 -3.33 -7.33
CA VAL A 8 2.03 -2.38 -6.65
C VAL A 8 3.11 -3.21 -5.96
N ARG A 9 4.29 -2.63 -5.72
CA ARG A 9 5.41 -3.32 -5.08
C ARG A 9 5.86 -2.52 -3.87
N ALA A 10 6.09 -3.20 -2.76
CA ALA A 10 6.52 -2.63 -1.50
C ALA A 10 7.89 -1.98 -1.60
N LEU A 11 8.00 -0.82 -0.98
CA LEU A 11 9.19 0.02 -0.91
C LEU A 11 9.99 -0.33 0.35
N TYR A 12 9.32 -0.79 1.42
CA TYR A 12 9.92 -1.15 2.69
C TYR A 12 9.13 -2.30 3.33
N ASP A 13 9.66 -2.86 4.42
CA ASP A 13 9.08 -3.96 5.18
C ASP A 13 8.20 -3.43 6.32
N TYR A 14 6.94 -3.14 6.03
CA TYR A 14 5.99 -2.64 7.03
C TYR A 14 4.79 -3.57 7.07
N THR A 15 4.22 -3.78 8.25
CA THR A 15 3.09 -4.66 8.43
C THR A 15 1.94 -3.84 9.00
N GLY A 16 1.24 -3.12 8.12
CA GLY A 16 0.11 -2.30 8.51
C GLY A 16 0.50 -1.36 9.65
N GLN A 17 -0.50 -0.93 10.40
CA GLN A 17 -0.33 -0.08 11.57
C GLN A 17 -1.05 -0.72 12.77
N GLU A 18 -2.02 -1.60 12.53
CA GLU A 18 -2.83 -2.27 13.56
C GLU A 18 -3.24 -3.66 13.05
N ALA A 19 -3.95 -4.42 13.89
CA ALA A 19 -4.41 -5.77 13.55
C ALA A 19 -5.51 -5.80 12.49
N ASP A 20 -6.29 -4.72 12.36
CA ASP A 20 -7.40 -4.63 11.41
C ASP A 20 -6.97 -4.27 9.99
N GLU A 21 -5.68 -4.04 9.77
CA GLU A 21 -5.04 -3.67 8.51
C GLU A 21 -4.30 -4.90 7.93
N LEU A 22 -3.79 -4.76 6.71
CA LEU A 22 -3.03 -5.73 5.91
C LEU A 22 -1.54 -5.63 6.24
N SER A 23 -0.71 -6.51 5.66
CA SER A 23 0.73 -6.49 5.88
C SER A 23 1.42 -7.01 4.62
N PHE A 24 2.64 -6.55 4.33
CA PHE A 24 3.41 -6.97 3.17
C PHE A 24 4.89 -6.92 3.55
N LYS A 25 5.79 -7.44 2.71
CA LYS A 25 7.24 -7.44 2.95
C LYS A 25 7.96 -6.62 1.89
N ALA A 26 9.21 -6.25 2.18
CA ALA A 26 10.06 -5.46 1.30
C ALA A 26 10.18 -6.13 -0.08
N GLY A 27 9.77 -5.41 -1.12
CA GLY A 27 9.83 -5.87 -2.49
C GLY A 27 8.67 -6.79 -2.88
N GLU A 28 7.75 -7.12 -1.97
CA GLU A 28 6.62 -7.99 -2.28
C GLU A 28 5.65 -7.24 -3.19
N GLU A 29 4.98 -7.97 -4.08
CA GLU A 29 3.98 -7.41 -4.99
C GLU A 29 2.63 -7.75 -4.36
N LEU A 30 1.69 -6.80 -4.40
CA LEU A 30 0.33 -6.88 -3.88
C LEU A 30 -0.58 -6.22 -4.93
N MET A 31 -1.89 -6.47 -4.90
CA MET A 31 -2.87 -5.91 -5.84
C MET A 31 -3.84 -5.00 -5.12
N LYS A 32 -3.75 -3.69 -5.35
CA LYS A 32 -4.60 -2.71 -4.73
C LYS A 32 -6.04 -2.90 -5.18
N ILE A 33 -7.02 -2.68 -4.29
CA ILE A 33 -8.43 -2.83 -4.61
C ILE A 33 -9.30 -1.57 -4.35
N SER A 34 -8.75 -0.51 -3.78
CA SER A 34 -9.44 0.75 -3.50
C SER A 34 -8.50 1.91 -3.81
N GLU A 35 -9.00 3.15 -3.76
CA GLU A 35 -8.21 4.35 -4.04
C GLU A 35 -7.39 4.78 -2.82
N GLU A 36 -6.50 5.74 -3.01
CA GLU A 36 -5.66 6.26 -1.94
C GLU A 36 -6.47 7.28 -1.16
N ASP A 37 -6.74 6.99 0.11
CA ASP A 37 -7.51 7.85 1.01
C ASP A 37 -6.57 8.95 1.55
N GLU A 38 -7.09 9.84 2.40
CA GLU A 38 -6.40 11.00 2.98
C GLU A 38 -5.10 10.72 3.71
N GLN A 39 -4.94 9.57 4.36
CA GLN A 39 -3.72 9.18 5.09
C GLN A 39 -2.82 8.28 4.22
N GLY A 40 -3.08 8.21 2.92
CA GLY A 40 -2.32 7.37 2.03
C GLY A 40 -2.71 5.92 2.30
N TRP A 41 -3.94 5.69 2.75
CA TRP A 41 -4.44 4.38 3.05
C TRP A 41 -5.04 3.82 1.78
N CYS A 42 -4.68 2.59 1.41
CA CYS A 42 -5.19 1.94 0.22
C CYS A 42 -5.61 0.53 0.57
N LYS A 43 -6.86 0.15 0.32
CA LYS A 43 -7.27 -1.22 0.59
C LYS A 43 -6.75 -2.04 -0.57
N GLY A 44 -6.26 -3.26 -0.31
CA GLY A 44 -5.73 -4.12 -1.35
C GLY A 44 -5.77 -5.58 -0.92
N ARG A 45 -5.39 -6.44 -1.86
CA ARG A 45 -5.31 -7.89 -1.71
C ARG A 45 -3.87 -8.32 -1.96
N LEU A 46 -3.47 -9.42 -1.36
CA LEU A 46 -2.13 -10.00 -1.50
C LEU A 46 -2.21 -11.22 -2.43
N LEU A 47 -1.07 -11.77 -2.86
CA LEU A 47 -1.02 -12.95 -3.74
C LEU A 47 -1.73 -14.13 -3.07
N THR A 48 -1.63 -14.21 -1.73
CA THR A 48 -2.22 -15.23 -0.87
C THR A 48 -3.75 -15.04 -0.75
N GLY A 49 -4.34 -14.03 -1.41
CA GLY A 49 -5.77 -13.75 -1.41
C GLY A 49 -6.28 -12.98 -0.20
N HIS A 50 -5.46 -12.74 0.83
CA HIS A 50 -5.86 -11.99 2.02
C HIS A 50 -6.11 -10.53 1.61
N VAL A 51 -7.02 -9.81 2.28
CA VAL A 51 -7.37 -8.42 1.98
C VAL A 51 -7.38 -7.56 3.23
N GLY A 52 -7.05 -6.27 3.07
CA GLY A 52 -7.03 -5.29 4.15
C GLY A 52 -6.47 -3.94 3.72
N LEU A 53 -6.41 -2.98 4.64
CA LEU A 53 -5.87 -1.63 4.42
C LEU A 53 -4.35 -1.75 4.46
N TYR A 54 -3.64 -1.17 3.52
CA TYR A 54 -2.19 -1.20 3.45
C TYR A 54 -1.72 0.26 3.30
N PRO A 55 -0.62 0.65 3.98
CA PRO A 55 -0.12 2.00 3.92
C PRO A 55 0.55 2.24 2.56
N ALA A 56 -0.13 2.98 1.67
CA ALA A 56 0.33 3.31 0.34
C ALA A 56 1.68 4.01 0.31
N ASN A 57 2.03 4.75 1.36
CA ASN A 57 3.31 5.45 1.41
C ASN A 57 4.50 4.47 1.43
N TYR A 58 4.24 3.18 1.66
CA TYR A 58 5.23 2.10 1.75
C TYR A 58 5.19 1.19 0.51
N VAL A 59 4.46 1.55 -0.55
CA VAL A 59 4.33 0.80 -1.79
C VAL A 59 4.34 1.82 -2.94
N GLU A 60 4.52 1.37 -4.18
CA GLU A 60 4.47 2.21 -5.38
C GLU A 60 4.13 1.30 -6.55
N LYS A 61 3.78 1.86 -7.71
CA LYS A 61 3.42 1.05 -8.87
C LYS A 61 4.68 0.46 -9.48
N VAL A 62 4.52 -0.64 -10.22
CA VAL A 62 5.66 -1.33 -10.85
C VAL A 62 5.36 -1.76 -12.28
N GLY A 63 4.09 -1.96 -12.66
CA GLY A 63 3.76 -2.37 -14.01
C GLY A 63 4.05 -1.29 -15.04
N LEU A 64 3.41 -0.12 -14.87
CA LEU A 64 3.59 1.01 -15.76
C LEU A 64 4.87 1.78 -15.42
N ALA A 65 5.24 2.69 -16.31
CA ALA A 65 6.39 3.57 -16.24
C ALA A 65 6.01 4.88 -16.96
N ALA A 66 6.89 5.87 -16.88
CA ALA A 66 6.86 7.22 -17.46
C ALA A 66 5.52 7.61 -18.13
N ALA A 67 4.51 8.00 -17.35
CA ALA A 67 3.21 8.44 -17.83
C ALA A 67 2.82 9.66 -17.02
N THR B 1 -8.90 10.43 9.08
CA THR B 1 -9.60 9.14 9.01
C THR B 1 -9.34 8.34 10.30
N LYS B 2 -10.12 7.29 10.54
CA LYS B 2 -9.88 6.46 11.72
C LYS B 2 -8.60 5.71 11.41
N GLY B 3 -7.73 5.54 12.40
CA GLY B 3 -6.48 4.85 12.19
C GLY B 3 -5.51 5.75 11.42
N PRO B 4 -4.90 6.74 12.09
CA PRO B 4 -3.94 7.65 11.46
C PRO B 4 -2.69 6.82 11.11
N ALA B 5 -2.45 6.66 9.81
CA ALA B 5 -1.36 5.93 9.16
C ALA B 5 0.05 6.09 9.78
N PRO B 6 0.96 5.14 9.47
CA PRO B 6 2.34 5.12 9.98
C PRO B 6 3.23 6.29 9.55
N ASN B 7 2.92 6.87 8.41
CA ASN B 7 3.61 7.99 7.74
C ASN B 7 3.99 9.15 8.68
N PRO B 8 4.85 10.12 8.28
CA PRO B 8 5.57 10.31 7.00
C PRO B 8 6.53 9.19 6.54
N PRO B 9 7.05 9.24 5.29
CA PRO B 9 7.96 8.22 4.74
C PRO B 9 9.28 8.08 5.51
N PRO B 10 9.76 6.84 5.75
CA PRO B 10 10.99 6.58 6.49
C PRO B 10 12.26 7.01 5.73
N ILE B 11 12.50 6.45 4.55
CA ILE B 11 13.66 6.70 3.68
C ILE B 11 13.23 6.78 2.21
N LEU B 12 14.20 6.92 1.30
CA LEU B 12 14.00 7.00 -0.15
C LEU B 12 13.15 8.21 -0.59
N LYS B 13 13.11 9.29 0.19
CA LYS B 13 12.33 10.47 -0.15
C LYS B 13 12.83 11.09 -1.46
N VAL B 14 11.97 11.92 -2.07
CA VAL B 14 12.21 12.62 -3.32
C VAL B 14 12.21 14.12 -2.99
N TRP B 15 13.40 14.71 -2.87
CA TRP B 15 13.66 16.12 -2.57
C TRP B 15 12.65 16.70 -1.57
N MET A 1 -17.10 -3.28 -10.97
CA MET A 1 -16.69 -1.87 -10.98
C MET A 1 -15.50 -1.77 -11.93
N LYS A 2 -15.57 -0.84 -12.90
CA LYS A 2 -14.53 -0.62 -13.92
C LYS A 2 -13.13 -0.23 -13.40
N VAL A 3 -12.91 -0.19 -12.08
CA VAL A 3 -11.64 0.16 -11.46
C VAL A 3 -10.98 -1.13 -10.93
N PRO A 4 -10.18 -1.87 -11.74
CA PRO A 4 -9.52 -3.08 -11.27
C PRO A 4 -8.37 -2.73 -10.32
N GLY A 5 -7.72 -3.74 -9.73
CA GLY A 5 -6.62 -3.49 -8.84
C GLY A 5 -5.37 -3.02 -9.59
N VAL A 6 -4.47 -2.34 -8.88
CA VAL A 6 -3.21 -1.84 -9.43
C VAL A 6 -2.11 -2.64 -8.76
N ARG A 7 -1.20 -3.21 -9.55
CA ARG A 7 -0.10 -3.97 -8.98
C ARG A 7 0.97 -2.96 -8.55
N VAL A 8 1.36 -2.99 -7.29
CA VAL A 8 2.39 -2.11 -6.74
C VAL A 8 3.37 -3.02 -5.99
N ARG A 9 4.59 -2.56 -5.79
CA ARG A 9 5.64 -3.33 -5.13
C ARG A 9 6.10 -2.56 -3.91
N ALA A 10 6.28 -3.28 -2.81
CA ALA A 10 6.73 -2.73 -1.55
C ALA A 10 8.21 -2.42 -1.62
N LEU A 11 8.56 -1.15 -1.42
CA LEU A 11 9.94 -0.67 -1.44
C LEU A 11 10.62 -0.84 -0.08
N TYR A 12 9.87 -1.16 0.97
CA TYR A 12 10.33 -1.35 2.34
C TYR A 12 9.42 -2.38 3.00
N ASP A 13 9.73 -2.78 4.23
CA ASP A 13 9.03 -3.78 5.05
C ASP A 13 8.23 -3.20 6.23
N TYR A 14 6.92 -3.03 6.09
CA TYR A 14 6.02 -2.50 7.13
C TYR A 14 4.69 -3.28 7.13
N THR A 15 3.95 -3.26 8.25
CA THR A 15 2.65 -3.93 8.32
C THR A 15 1.73 -2.97 9.06
N GLY A 16 1.26 -1.98 8.29
CA GLY A 16 0.31 -1.00 8.78
C GLY A 16 0.76 -0.38 10.10
N GLN A 17 -0.23 0.14 10.84
CA GLN A 17 -0.06 0.73 12.16
C GLN A 17 -1.09 0.13 13.16
N GLU A 18 -1.82 -0.94 12.81
CA GLU A 18 -2.84 -1.52 13.67
C GLU A 18 -2.87 -3.04 13.53
N ALA A 19 -3.81 -3.68 14.21
CA ALA A 19 -4.09 -5.11 14.18
C ALA A 19 -5.07 -5.47 13.02
N ASP A 20 -5.57 -4.47 12.27
CA ASP A 20 -6.56 -4.59 11.17
C ASP A 20 -6.03 -4.08 9.82
N GLU A 21 -4.76 -4.23 9.56
CA GLU A 21 -4.04 -3.80 8.35
C GLU A 21 -3.44 -5.01 7.61
N LEU A 22 -2.90 -4.79 6.42
CA LEU A 22 -2.24 -5.80 5.60
C LEU A 22 -0.76 -5.69 5.89
N SER A 23 -0.09 -6.83 5.79
CA SER A 23 1.32 -6.93 6.04
C SER A 23 2.03 -7.19 4.73
N PHE A 24 3.07 -6.43 4.40
CA PHE A 24 3.79 -6.66 3.15
C PHE A 24 5.28 -6.59 3.44
N LYS A 25 6.04 -7.54 2.91
CA LYS A 25 7.49 -7.60 3.10
C LYS A 25 8.22 -6.82 2.01
N ALA A 26 9.47 -6.40 2.26
CA ALA A 26 10.24 -5.68 1.25
C ALA A 26 10.45 -6.62 0.07
N GLY A 27 9.95 -6.24 -1.12
CA GLY A 27 10.03 -7.03 -2.34
C GLY A 27 8.69 -7.68 -2.71
N GLU A 28 7.73 -7.67 -1.79
CA GLU A 28 6.40 -8.23 -1.98
C GLU A 28 5.55 -7.31 -2.85
N GLU A 29 4.50 -7.87 -3.44
CA GLU A 29 3.55 -7.20 -4.29
C GLU A 29 2.19 -7.21 -3.59
N LEU A 30 1.30 -6.35 -4.02
CA LEU A 30 -0.05 -6.22 -3.49
C LEU A 30 -0.92 -5.55 -4.54
N MET A 31 -2.24 -5.75 -4.46
CA MET A 31 -3.19 -5.18 -5.40
C MET A 31 -4.19 -4.34 -4.63
N LYS A 32 -4.16 -3.02 -4.80
CA LYS A 32 -5.10 -2.14 -4.14
C LYS A 32 -6.47 -2.40 -4.72
N ILE A 33 -7.51 -2.32 -3.88
CA ILE A 33 -8.88 -2.57 -4.33
C ILE A 33 -9.87 -1.51 -3.82
N SER A 34 -9.37 -0.44 -3.23
CA SER A 34 -10.11 0.68 -2.70
C SER A 34 -9.29 1.93 -3.02
N GLU A 35 -9.75 3.09 -2.58
CA GLU A 35 -9.08 4.36 -2.80
C GLU A 35 -8.16 4.72 -1.65
N GLU A 36 -7.30 5.70 -1.89
CA GLU A 36 -6.36 6.24 -0.94
C GLU A 36 -7.12 7.28 -0.10
N ASP A 37 -6.97 7.25 1.22
CA ASP A 37 -7.61 8.16 2.18
C ASP A 37 -6.58 9.21 2.66
N GLU A 38 -6.96 10.13 3.55
CA GLU A 38 -6.15 11.25 4.06
C GLU A 38 -4.78 10.96 4.69
N GLN A 39 -4.52 9.74 5.16
CA GLN A 39 -3.25 9.32 5.75
C GLN A 39 -2.49 8.44 4.74
N GLY A 40 -2.94 8.41 3.49
CA GLY A 40 -2.33 7.59 2.46
C GLY A 40 -2.73 6.13 2.67
N TRP A 41 -3.88 5.86 3.29
CA TRP A 41 -4.31 4.49 3.52
C TRP A 41 -5.00 3.93 2.29
N CYS A 42 -4.64 2.72 1.87
CA CYS A 42 -5.27 2.09 0.72
C CYS A 42 -5.72 0.70 1.10
N LYS A 43 -7.00 0.37 0.90
CA LYS A 43 -7.49 -0.97 1.22
C LYS A 43 -7.17 -1.81 -0.01
N GLY A 44 -6.61 -3.00 0.16
CA GLY A 44 -6.27 -3.85 -0.96
C GLY A 44 -6.43 -5.32 -0.65
N ARG A 45 -5.96 -6.16 -1.57
CA ARG A 45 -6.01 -7.60 -1.52
C ARG A 45 -4.64 -8.14 -1.92
N LEU A 46 -4.00 -8.86 -1.01
CA LEU A 46 -2.68 -9.47 -1.19
C LEU A 46 -2.77 -10.58 -2.25
N LEU A 47 -1.63 -11.05 -2.75
CA LEU A 47 -1.61 -12.13 -3.75
C LEU A 47 -2.04 -13.47 -3.14
N THR A 48 -2.04 -13.58 -1.80
CA THR A 48 -2.46 -14.78 -1.09
C THR A 48 -3.98 -14.72 -0.81
N GLY A 49 -4.64 -13.58 -1.06
CA GLY A 49 -6.07 -13.39 -0.86
C GLY A 49 -6.44 -12.54 0.34
N HIS A 50 -5.50 -12.27 1.26
CA HIS A 50 -5.70 -11.49 2.47
C HIS A 50 -6.21 -10.10 2.13
N VAL A 51 -7.07 -9.51 2.97
CA VAL A 51 -7.61 -8.17 2.76
C VAL A 51 -7.43 -7.30 4.01
N GLY A 52 -7.19 -6.00 3.84
CA GLY A 52 -7.01 -5.05 4.93
C GLY A 52 -6.48 -3.74 4.36
N LEU A 53 -6.15 -2.78 5.23
CA LEU A 53 -5.60 -1.48 4.85
C LEU A 53 -4.07 -1.61 4.79
N TYR A 54 -3.41 -1.02 3.80
CA TYR A 54 -1.96 -1.04 3.63
C TYR A 54 -1.54 0.43 3.47
N PRO A 55 -0.45 0.88 4.12
CA PRO A 55 -0.04 2.25 3.99
C PRO A 55 0.54 2.48 2.59
N ALA A 56 -0.21 3.19 1.74
CA ALA A 56 0.17 3.51 0.37
C ALA A 56 1.49 4.29 0.33
N ASN A 57 1.77 5.05 1.39
CA ASN A 57 2.99 5.83 1.51
C ASN A 57 4.25 4.95 1.59
N TYR A 58 4.10 3.63 1.74
CA TYR A 58 5.18 2.66 1.86
C TYR A 58 5.39 1.78 0.61
N VAL A 59 4.74 2.07 -0.53
CA VAL A 59 4.89 1.27 -1.76
C VAL A 59 4.91 2.18 -3.00
N GLU A 60 5.26 1.62 -4.16
CA GLU A 60 5.28 2.36 -5.41
C GLU A 60 4.83 1.44 -6.54
N LYS A 61 4.22 2.01 -7.58
CA LYS A 61 3.72 1.27 -8.74
C LYS A 61 4.88 0.63 -9.50
N VAL A 62 4.57 -0.42 -10.26
CA VAL A 62 5.54 -1.17 -11.05
C VAL A 62 4.90 -1.61 -12.39
N GLY A 63 3.91 -0.86 -12.85
CA GLY A 63 3.16 -1.11 -14.07
C GLY A 63 3.79 -0.51 -15.32
N LEU A 64 3.86 0.82 -15.38
CA LEU A 64 4.38 1.56 -16.52
C LEU A 64 5.33 2.68 -16.09
N ALA A 65 6.22 3.05 -17.01
CA ALA A 65 7.17 4.13 -16.81
C ALA A 65 6.37 5.35 -17.27
N ALA A 66 5.40 5.76 -16.43
CA ALA A 66 4.50 6.86 -16.65
C ALA A 66 4.40 7.70 -15.38
N ALA A 67 3.50 7.30 -14.49
CA ALA A 67 3.18 7.89 -13.20
C ALA A 67 2.36 6.87 -12.42
N THR B 1 -10.42 8.94 8.49
CA THR B 1 -9.33 7.97 8.50
C THR B 1 -9.69 6.77 9.37
N LYS B 2 -9.38 5.57 8.88
CA LYS B 2 -9.63 4.28 9.56
C LYS B 2 -8.65 3.97 10.70
N GLY B 3 -7.63 4.80 10.94
CA GLY B 3 -6.60 4.68 11.94
C GLY B 3 -5.40 5.48 11.48
N PRO B 4 -4.50 5.97 12.34
CA PRO B 4 -3.33 6.73 11.90
C PRO B 4 -2.34 5.79 11.19
N ALA B 5 -1.95 6.07 9.96
CA ALA B 5 -0.97 5.27 9.22
C ALA B 5 0.43 5.57 9.82
N PRO B 6 1.49 4.83 9.45
CA PRO B 6 2.82 5.09 9.95
C PRO B 6 3.21 6.42 9.33
N ASN B 7 3.36 7.48 10.12
CA ASN B 7 3.71 8.81 9.62
C ASN B 7 4.67 9.54 10.56
N PRO B 8 5.54 10.43 10.06
CA PRO B 8 5.72 10.84 8.65
C PRO B 8 6.30 9.69 7.79
N PRO B 9 6.33 9.82 6.45
CA PRO B 9 6.83 8.78 5.54
C PRO B 9 8.29 8.35 5.75
N PRO B 10 8.71 7.22 5.13
CA PRO B 10 10.06 6.69 5.19
C PRO B 10 10.96 7.41 4.18
N ILE B 11 12.09 6.79 3.81
CA ILE B 11 13.02 7.33 2.83
C ILE B 11 12.37 7.20 1.43
N LEU B 12 12.99 7.72 0.37
CA LEU B 12 12.49 7.72 -1.02
C LEU B 12 11.19 8.53 -1.03
N LYS B 13 11.31 9.85 -1.12
CA LYS B 13 10.18 10.78 -1.14
C LYS B 13 10.10 11.50 -2.47
N VAL B 14 11.23 12.03 -2.94
CA VAL B 14 11.34 12.73 -4.21
C VAL B 14 12.48 12.01 -4.92
N TRP B 15 13.70 12.09 -4.36
CA TRP B 15 14.88 11.41 -4.87
C TRP B 15 14.74 9.98 -4.43
N MET A 1 -12.82 -6.01 -14.45
CA MET A 1 -14.14 -5.69 -15.00
C MET A 1 -14.61 -4.27 -14.63
N LYS A 2 -14.31 -3.76 -13.43
CA LYS A 2 -14.71 -2.43 -12.99
C LYS A 2 -13.56 -1.79 -12.22
N VAL A 3 -13.29 -2.31 -11.03
CA VAL A 3 -12.24 -1.84 -10.16
C VAL A 3 -11.26 -3.02 -10.10
N PRO A 4 -10.32 -3.13 -11.06
CA PRO A 4 -9.36 -4.23 -11.01
C PRO A 4 -8.34 -3.92 -9.91
N GLY A 5 -7.41 -4.84 -9.66
CA GLY A 5 -6.38 -4.57 -8.68
C GLY A 5 -5.57 -3.42 -9.27
N VAL A 6 -5.16 -2.42 -8.49
CA VAL A 6 -4.36 -1.34 -9.06
C VAL A 6 -2.95 -1.74 -8.65
N ARG A 7 -2.14 -2.00 -9.67
CA ARG A 7 -0.76 -2.44 -9.56
C ARG A 7 0.11 -1.38 -8.93
N VAL A 8 0.64 -1.70 -7.78
CA VAL A 8 1.52 -0.82 -7.04
C VAL A 8 2.70 -1.63 -6.50
N ARG A 9 3.78 -0.93 -6.15
CA ARG A 9 5.00 -1.48 -5.59
C ARG A 9 5.38 -0.58 -4.43
N ALA A 10 5.79 -1.16 -3.31
CA ALA A 10 6.17 -0.36 -2.15
C ALA A 10 7.56 0.21 -2.32
N LEU A 11 7.70 1.47 -1.94
CA LEU A 11 8.95 2.20 -2.02
C LEU A 11 9.81 1.93 -0.79
N TYR A 12 9.19 1.62 0.36
CA TYR A 12 9.91 1.36 1.61
C TYR A 12 9.30 0.18 2.37
N ASP A 13 10.05 -0.39 3.32
CA ASP A 13 9.67 -1.52 4.15
C ASP A 13 8.94 -1.07 5.42
N TYR A 14 7.63 -1.27 5.48
CA TYR A 14 6.76 -0.92 6.61
C TYR A 14 5.74 -2.04 6.80
N THR A 15 5.14 -2.20 7.98
CA THR A 15 4.16 -3.26 8.22
C THR A 15 2.94 -2.67 8.94
N GLY A 16 2.03 -2.03 8.20
CA GLY A 16 0.81 -1.42 8.72
C GLY A 16 1.09 -0.44 9.86
N GLN A 17 0.08 -0.15 10.69
CA GLN A 17 0.20 0.71 11.87
C GLN A 17 -0.35 -0.01 13.10
N GLU A 18 -1.23 -1.00 12.92
CA GLU A 18 -1.87 -1.78 13.96
C GLU A 18 -2.09 -3.21 13.45
N ALA A 19 -2.65 -4.08 14.29
CA ALA A 19 -2.90 -5.48 13.97
C ALA A 19 -3.93 -5.74 12.87
N ASP A 20 -4.99 -4.94 12.73
CA ASP A 20 -6.03 -5.16 11.72
C ASP A 20 -5.66 -4.63 10.32
N GLU A 21 -4.38 -4.39 10.05
CA GLU A 21 -3.88 -3.89 8.79
C GLU A 21 -3.02 -4.94 8.09
N LEU A 22 -2.68 -4.65 6.84
CA LEU A 22 -1.88 -5.45 5.94
C LEU A 22 -0.40 -5.19 6.22
N SER A 23 0.49 -5.94 5.57
CA SER A 23 1.93 -5.82 5.74
C SER A 23 2.59 -6.13 4.40
N PHE A 24 3.51 -5.29 3.91
CA PHE A 24 4.19 -5.51 2.64
C PHE A 24 5.68 -5.22 2.81
N LYS A 25 6.57 -5.68 1.91
CA LYS A 25 8.01 -5.45 2.02
C LYS A 25 8.50 -4.43 0.99
N ALA A 26 9.70 -3.89 1.18
CA ALA A 26 10.25 -2.91 0.24
C ALA A 26 10.43 -3.58 -1.11
N GLY A 27 9.79 -3.05 -2.15
CA GLY A 27 9.87 -3.58 -3.49
C GLY A 27 8.82 -4.65 -3.79
N GLU A 28 8.09 -5.17 -2.79
CA GLU A 28 7.06 -6.17 -3.03
C GLU A 28 5.90 -5.49 -3.77
N GLU A 29 5.08 -6.29 -4.45
CA GLU A 29 3.92 -5.80 -5.18
C GLU A 29 2.64 -6.19 -4.47
N LEU A 30 1.62 -5.35 -4.54
CA LEU A 30 0.30 -5.54 -3.95
C LEU A 30 -0.69 -4.90 -4.92
N MET A 31 -1.91 -5.43 -4.98
CA MET A 31 -2.98 -4.95 -5.83
C MET A 31 -3.97 -4.22 -4.96
N LYS A 32 -4.09 -2.92 -5.14
CA LYS A 32 -5.04 -2.15 -4.34
C LYS A 32 -6.45 -2.58 -4.71
N ILE A 33 -7.36 -2.63 -3.74
CA ILE A 33 -8.74 -3.01 -4.00
C ILE A 33 -9.78 -1.98 -3.52
N SER A 34 -9.37 -0.88 -2.88
CA SER A 34 -10.27 0.17 -2.39
C SER A 34 -9.70 1.55 -2.72
N GLU A 35 -10.44 2.60 -2.37
CA GLU A 35 -10.04 3.98 -2.60
C GLU A 35 -9.10 4.46 -1.50
N GLU A 36 -8.49 5.63 -1.71
CA GLU A 36 -7.58 6.25 -0.76
C GLU A 36 -8.39 7.09 0.22
N ASP A 37 -8.37 6.71 1.49
CA ASP A 37 -9.08 7.42 2.55
C ASP A 37 -8.27 8.68 2.90
N GLU A 38 -8.83 9.59 3.70
CA GLU A 38 -8.23 10.86 4.12
C GLU A 38 -6.88 10.77 4.83
N GLN A 39 -6.48 9.57 5.28
CA GLN A 39 -5.22 9.32 5.97
C GLN A 39 -4.21 8.59 5.04
N GLY A 40 -4.59 8.40 3.78
CA GLY A 40 -3.79 7.73 2.78
C GLY A 40 -3.90 6.21 2.96
N TRP A 41 -4.99 5.75 3.58
CA TRP A 41 -5.26 4.34 3.80
C TRP A 41 -5.91 3.78 2.55
N CYS A 42 -5.56 2.55 2.18
CA CYS A 42 -6.12 1.88 1.02
C CYS A 42 -6.22 0.39 1.33
N LYS A 43 -7.39 -0.21 1.15
CA LYS A 43 -7.50 -1.64 1.35
C LYS A 43 -6.95 -2.26 0.07
N GLY A 44 -6.18 -3.34 0.16
CA GLY A 44 -5.61 -4.00 -1.01
C GLY A 44 -5.36 -5.47 -0.73
N ARG A 45 -4.85 -6.17 -1.75
CA ARG A 45 -4.58 -7.60 -1.71
C ARG A 45 -3.17 -7.95 -2.17
N LEU A 46 -2.41 -8.62 -1.30
CA LEU A 46 -1.04 -9.07 -1.58
C LEU A 46 -1.10 -10.24 -2.57
N LEU A 47 0.02 -10.64 -3.17
CA LEU A 47 0.04 -11.80 -4.08
C LEU A 47 -0.23 -13.06 -3.26
N THR A 48 0.02 -13.03 -1.95
CA THR A 48 -0.24 -14.14 -1.03
C THR A 48 -1.76 -14.22 -0.77
N GLY A 49 -2.56 -13.30 -1.33
CA GLY A 49 -4.01 -13.26 -1.20
C GLY A 49 -4.50 -12.62 0.09
N HIS A 50 -3.62 -12.06 0.94
CA HIS A 50 -4.05 -11.42 2.18
C HIS A 50 -4.76 -10.11 1.81
N VAL A 51 -5.83 -9.72 2.50
CA VAL A 51 -6.59 -8.49 2.21
C VAL A 51 -6.70 -7.67 3.49
N GLY A 52 -6.09 -6.48 3.51
CA GLY A 52 -6.09 -5.58 4.66
C GLY A 52 -5.84 -4.14 4.23
N LEU A 53 -5.82 -3.23 5.20
CA LEU A 53 -5.56 -1.81 4.99
C LEU A 53 -4.04 -1.66 4.86
N TYR A 54 -3.55 -0.88 3.91
CA TYR A 54 -2.14 -0.64 3.66
C TYR A 54 -1.98 0.86 3.42
N PRO A 55 -0.94 1.52 3.93
CA PRO A 55 -0.74 2.94 3.74
C PRO A 55 -0.25 3.24 2.32
N ALA A 56 -1.15 3.75 1.48
CA ALA A 56 -0.88 4.10 0.09
C ALA A 56 0.24 5.12 -0.05
N ASN A 57 0.44 5.96 0.96
CA ASN A 57 1.49 6.98 0.92
C ASN A 57 2.90 6.39 0.76
N TYR A 58 3.10 5.12 1.17
CA TYR A 58 4.39 4.43 1.13
C TYR A 58 4.58 3.59 -0.16
N VAL A 59 3.62 3.60 -1.08
CA VAL A 59 3.70 2.83 -2.32
C VAL A 59 3.28 3.70 -3.50
N GLU A 60 3.60 3.27 -4.71
CA GLU A 60 3.24 3.98 -5.93
C GLU A 60 3.01 3.00 -7.06
N LYS A 61 2.36 3.48 -8.12
CA LYS A 61 2.07 2.70 -9.32
C LYS A 61 3.36 2.32 -10.00
N VAL A 62 3.32 1.26 -10.79
CA VAL A 62 4.50 0.79 -11.50
C VAL A 62 4.12 0.28 -12.89
N GLY A 63 5.09 0.16 -13.80
CA GLY A 63 4.92 -0.33 -15.15
C GLY A 63 5.23 0.71 -16.23
N LEU A 64 4.26 1.58 -16.48
CA LEU A 64 4.34 2.65 -17.48
C LEU A 64 5.46 3.66 -17.17
N ALA A 65 5.79 4.47 -18.18
CA ALA A 65 6.78 5.53 -18.14
C ALA A 65 6.08 6.85 -18.44
N ALA A 66 6.79 7.97 -18.28
CA ALA A 66 6.31 9.33 -18.50
C ALA A 66 5.03 9.66 -17.70
N ALA A 67 4.79 8.94 -16.59
CA ALA A 67 3.66 9.11 -15.70
C ALA A 67 4.22 9.13 -14.30
N THR B 1 -10.91 8.90 10.55
CA THR B 1 -10.33 7.76 9.83
C THR B 1 -10.67 6.42 10.48
N LYS B 2 -10.52 6.30 11.81
CA LYS B 2 -10.75 5.15 12.71
C LYS B 2 -9.43 4.46 13.05
N GLY B 3 -8.37 4.74 12.31
CA GLY B 3 -7.03 4.20 12.48
C GLY B 3 -6.07 5.25 11.93
N PRO B 4 -5.25 5.91 12.75
CA PRO B 4 -4.32 6.94 12.29
C PRO B 4 -3.17 6.29 11.52
N ALA B 5 -3.23 6.35 10.19
CA ALA B 5 -2.22 5.79 9.29
C ALA B 5 -0.81 6.27 9.68
N PRO B 6 0.26 5.59 9.25
CA PRO B 6 1.65 5.97 9.55
C PRO B 6 2.18 7.18 8.78
N ASN B 7 1.24 7.84 8.13
CA ASN B 7 1.40 9.04 7.32
C ASN B 7 1.91 10.21 8.20
N PRO B 8 2.61 11.21 7.65
CA PRO B 8 3.03 11.40 6.26
C PRO B 8 4.03 10.34 5.78
N PRO B 9 4.29 10.21 4.47
CA PRO B 9 5.22 9.23 3.93
C PRO B 9 6.70 9.54 4.18
N PRO B 10 7.41 8.80 5.05
CA PRO B 10 8.82 9.00 5.32
C PRO B 10 9.64 8.33 4.23
N ILE B 11 10.95 8.44 4.39
CA ILE B 11 11.95 7.86 3.52
C ILE B 11 13.11 7.45 4.43
N LEU B 12 13.79 6.35 4.09
CA LEU B 12 14.96 5.84 4.80
C LEU B 12 16.07 5.68 3.75
N LYS B 13 15.76 4.96 2.67
CA LYS B 13 16.64 4.70 1.54
C LYS B 13 15.74 4.37 0.35
N VAL B 14 16.32 4.16 -0.83
CA VAL B 14 15.58 3.83 -2.05
C VAL B 14 16.19 2.56 -2.68
N TRP B 15 16.73 1.67 -1.86
CA TRP B 15 17.37 0.42 -2.25
C TRP B 15 16.81 -0.66 -1.36
N MET A 1 -11.38 -7.02 -6.64
CA MET A 1 -12.85 -7.12 -6.53
C MET A 1 -13.50 -6.10 -7.46
N LYS A 2 -13.98 -4.94 -6.97
CA LYS A 2 -14.65 -3.94 -7.82
C LYS A 2 -13.75 -3.12 -8.73
N VAL A 3 -12.44 -3.38 -8.75
CA VAL A 3 -11.47 -2.72 -9.58
C VAL A 3 -10.47 -3.81 -9.99
N PRO A 4 -9.88 -3.73 -11.20
CA PRO A 4 -8.93 -4.73 -11.71
C PRO A 4 -7.59 -4.73 -10.96
N GLY A 5 -7.35 -3.78 -10.05
CA GLY A 5 -6.13 -3.68 -9.29
C GLY A 5 -5.06 -2.87 -10.02
N VAL A 6 -4.37 -1.98 -9.31
CA VAL A 6 -3.30 -1.15 -9.85
C VAL A 6 -2.00 -1.82 -9.40
N ARG A 7 -1.09 -2.08 -10.35
CA ARG A 7 0.19 -2.73 -10.08
C ARG A 7 1.11 -1.84 -9.25
N VAL A 8 1.45 -2.29 -8.05
CA VAL A 8 2.35 -1.58 -7.15
C VAL A 8 3.36 -2.57 -6.56
N ARG A 9 4.52 -2.12 -6.09
CA ARG A 9 5.57 -2.93 -5.47
C ARG A 9 5.94 -2.26 -4.14
N ALA A 10 5.99 -3.04 -3.07
CA ALA A 10 6.34 -2.54 -1.75
C ALA A 10 7.84 -2.27 -1.76
N LEU A 11 8.25 -1.14 -1.19
CA LEU A 11 9.66 -0.74 -1.16
C LEU A 11 10.31 -0.90 0.20
N TYR A 12 9.52 -1.18 1.24
CA TYR A 12 10.00 -1.35 2.61
C TYR A 12 9.31 -2.56 3.22
N ASP A 13 9.81 -3.02 4.35
CA ASP A 13 9.32 -4.19 5.09
C ASP A 13 8.58 -3.77 6.36
N TYR A 14 7.26 -3.70 6.22
CA TYR A 14 6.28 -3.29 7.23
C TYR A 14 5.11 -4.30 7.28
N THR A 15 4.37 -4.32 8.38
CA THR A 15 3.24 -5.21 8.62
C THR A 15 2.06 -4.45 9.25
N GLY A 16 1.26 -3.77 8.41
CA GLY A 16 0.07 -3.00 8.76
C GLY A 16 0.34 -1.98 9.86
N GLN A 17 -0.70 -1.42 10.48
CA GLN A 17 -0.54 -0.49 11.60
C GLN A 17 -1.43 -0.89 12.79
N GLU A 18 -2.49 -1.65 12.56
CA GLU A 18 -3.42 -2.11 13.58
C GLU A 18 -3.94 -3.48 13.16
N ALA A 19 -4.84 -4.06 13.95
CA ALA A 19 -5.39 -5.38 13.70
C ALA A 19 -6.36 -5.49 12.52
N ASP A 20 -6.68 -4.40 11.82
CA ASP A 20 -7.63 -4.40 10.70
C ASP A 20 -6.96 -4.09 9.34
N GLU A 21 -5.64 -4.01 9.31
CA GLU A 21 -4.87 -3.69 8.12
C GLU A 21 -4.25 -4.94 7.49
N LEU A 22 -3.70 -4.75 6.28
CA LEU A 22 -3.04 -5.68 5.38
C LEU A 22 -1.53 -5.61 5.60
N SER A 23 -0.85 -6.76 5.61
CA SER A 23 0.59 -6.83 5.79
C SER A 23 1.22 -7.41 4.54
N PHE A 24 2.21 -6.73 3.99
CA PHE A 24 2.93 -7.13 2.78
C PHE A 24 4.41 -7.38 3.12
N LYS A 25 5.25 -7.68 2.12
CA LYS A 25 6.68 -7.95 2.28
C LYS A 25 7.43 -7.00 1.33
N ALA A 26 8.68 -6.62 1.65
CA ALA A 26 9.44 -5.75 0.78
C ALA A 26 9.65 -6.46 -0.55
N GLY A 27 9.36 -5.78 -1.66
CA GLY A 27 9.49 -6.32 -3.01
C GLY A 27 8.23 -7.08 -3.45
N GLU A 28 7.24 -7.27 -2.58
CA GLU A 28 6.00 -7.96 -2.90
C GLU A 28 5.14 -7.03 -3.78
N GLU A 29 4.35 -7.61 -4.68
CA GLU A 29 3.49 -6.85 -5.56
C GLU A 29 2.03 -7.12 -5.22
N LEU A 30 1.34 -6.14 -4.63
CA LEU A 30 -0.07 -6.22 -4.26
C LEU A 30 -0.84 -5.43 -5.31
N MET A 31 -2.17 -5.57 -5.31
CA MET A 31 -3.03 -4.87 -6.24
C MET A 31 -3.87 -3.91 -5.44
N LYS A 32 -3.63 -2.61 -5.57
CA LYS A 32 -4.42 -1.62 -4.84
C LYS A 32 -5.87 -1.72 -5.31
N ILE A 33 -6.85 -1.59 -4.41
CA ILE A 33 -8.27 -1.66 -4.77
C ILE A 33 -9.10 -0.43 -4.32
N SER A 34 -8.47 0.66 -3.89
CA SER A 34 -9.15 1.86 -3.43
C SER A 34 -8.30 3.08 -3.78
N GLU A 35 -8.75 4.27 -3.40
CA GLU A 35 -8.09 5.54 -3.62
C GLU A 35 -7.33 5.96 -2.35
N GLU A 36 -6.49 6.98 -2.43
CA GLU A 36 -5.70 7.45 -1.30
C GLU A 36 -6.52 8.27 -0.31
N ASP A 37 -6.64 7.76 0.92
CA ASP A 37 -7.37 8.36 2.05
C ASP A 37 -6.53 9.52 2.59
N GLU A 38 -7.09 10.33 3.49
CA GLU A 38 -6.44 11.50 4.10
C GLU A 38 -5.10 11.19 4.81
N GLN A 39 -4.84 9.92 5.16
CA GLN A 39 -3.60 9.48 5.81
C GLN A 39 -2.68 8.70 4.84
N GLY A 40 -2.93 8.75 3.53
CA GLY A 40 -2.12 7.99 2.59
C GLY A 40 -2.44 6.50 2.72
N TRP A 41 -3.64 6.20 3.19
CA TRP A 41 -4.15 4.87 3.39
C TRP A 41 -4.77 4.42 2.07
N CYS A 42 -4.54 3.17 1.65
CA CYS A 42 -5.09 2.64 0.42
C CYS A 42 -5.53 1.20 0.68
N LYS A 43 -6.77 0.87 0.39
CA LYS A 43 -7.24 -0.51 0.57
C LYS A 43 -6.72 -1.27 -0.65
N GLY A 44 -6.24 -2.50 -0.49
CA GLY A 44 -5.72 -3.30 -1.59
C GLY A 44 -5.83 -4.78 -1.29
N ARG A 45 -5.46 -5.62 -2.26
CA ARG A 45 -5.51 -7.06 -2.17
C ARG A 45 -4.12 -7.65 -2.40
N LEU A 46 -3.82 -8.75 -1.71
CA LEU A 46 -2.56 -9.48 -1.79
C LEU A 46 -2.69 -10.64 -2.77
N LEU A 47 -1.57 -11.30 -3.04
CA LEU A 47 -1.50 -12.44 -3.95
C LEU A 47 -2.34 -13.60 -3.44
N THR A 48 -2.32 -13.82 -2.12
CA THR A 48 -3.07 -14.87 -1.44
C THR A 48 -4.58 -14.53 -1.40
N GLY A 49 -5.01 -13.46 -2.08
CA GLY A 49 -6.39 -13.03 -2.15
C GLY A 49 -6.88 -12.22 -0.95
N HIS A 50 -6.06 -11.98 0.08
CA HIS A 50 -6.49 -11.25 1.28
C HIS A 50 -6.64 -9.76 0.93
N VAL A 51 -7.61 -9.06 1.50
CA VAL A 51 -7.85 -7.63 1.25
C VAL A 51 -7.87 -6.88 2.57
N GLY A 52 -7.40 -5.63 2.60
CA GLY A 52 -7.35 -4.78 3.79
C GLY A 52 -6.66 -3.44 3.50
N LEU A 53 -6.53 -2.58 4.49
CA LEU A 53 -5.88 -1.26 4.37
C LEU A 53 -4.38 -1.46 4.39
N TYR A 54 -3.63 -0.79 3.51
CA TYR A 54 -2.19 -0.85 3.40
C TYR A 54 -1.74 0.61 3.15
N PRO A 55 -0.64 1.06 3.75
CA PRO A 55 -0.19 2.43 3.56
C PRO A 55 0.41 2.62 2.15
N ALA A 56 -0.19 3.47 1.31
CA ALA A 56 0.31 3.74 -0.03
C ALA A 56 1.72 4.32 0.02
N ASN A 57 2.05 5.02 1.11
CA ASN A 57 3.35 5.64 1.35
C ASN A 57 4.51 4.63 1.35
N TYR A 58 4.23 3.32 1.45
CA TYR A 58 5.25 2.27 1.51
C TYR A 58 5.39 1.46 0.23
N VAL A 59 4.65 1.81 -0.83
CA VAL A 59 4.70 1.11 -2.11
C VAL A 59 4.74 2.16 -3.22
N GLU A 60 5.16 1.76 -4.42
CA GLU A 60 5.23 2.61 -5.60
C GLU A 60 4.75 1.81 -6.79
N LYS A 61 4.39 2.51 -7.87
CA LYS A 61 3.95 1.83 -9.08
C LYS A 61 5.15 1.15 -9.72
N VAL A 62 4.86 0.14 -10.53
CA VAL A 62 5.86 -0.64 -11.21
C VAL A 62 5.35 -1.07 -12.60
N GLY A 63 6.12 -1.85 -13.34
CA GLY A 63 5.78 -2.38 -14.65
C GLY A 63 6.28 -1.62 -15.85
N LEU A 64 5.98 -0.32 -15.91
CA LEU A 64 6.38 0.53 -17.03
C LEU A 64 7.71 1.24 -16.76
N ALA A 65 8.26 1.85 -17.81
CA ALA A 65 9.53 2.58 -17.80
C ALA A 65 9.42 3.93 -18.51
N ALA A 66 10.39 4.80 -18.24
CA ALA A 66 10.56 6.15 -18.77
C ALA A 66 9.24 6.93 -18.82
N ALA A 67 8.63 7.12 -17.64
CA ALA A 67 7.39 7.83 -17.41
C ALA A 67 7.30 7.98 -15.90
N THR B 1 -8.78 10.59 9.98
CA THR B 1 -9.46 9.44 9.40
C THR B 1 -9.30 8.30 10.39
N LYS B 2 -10.40 7.59 10.70
CA LYS B 2 -10.40 6.47 11.63
C LYS B 2 -9.28 5.50 11.23
N GLY B 3 -8.42 5.13 12.17
CA GLY B 3 -7.30 4.22 11.92
C GLY B 3 -6.09 5.01 11.44
N PRO B 4 -5.18 5.47 12.33
CA PRO B 4 -4.00 6.22 11.93
C PRO B 4 -3.03 5.32 11.16
N ALA B 5 -2.24 5.94 10.28
CA ALA B 5 -1.23 5.32 9.43
C ALA B 5 0.16 5.36 10.08
N PRO B 6 1.12 4.57 9.55
CA PRO B 6 2.51 4.51 10.04
C PRO B 6 3.33 5.77 9.78
N ASN B 7 2.80 6.59 8.88
CA ASN B 7 3.30 7.88 8.39
C ASN B 7 3.87 8.73 9.55
N PRO B 8 4.93 9.55 9.41
CA PRO B 8 5.74 9.84 8.21
C PRO B 8 6.35 8.61 7.56
N PRO B 9 6.70 8.70 6.27
CA PRO B 9 7.27 7.59 5.53
C PRO B 9 8.69 7.30 6.05
N PRO B 10 9.27 6.14 5.70
CA PRO B 10 10.59 5.78 6.16
C PRO B 10 11.68 6.58 5.43
N ILE B 11 11.98 6.21 4.19
CA ILE B 11 13.00 6.79 3.33
C ILE B 11 12.49 6.80 1.87
N LEU B 12 13.36 7.14 0.91
CA LEU B 12 13.14 7.22 -0.53
C LEU B 12 11.85 7.96 -0.89
N LYS B 13 11.82 9.28 -0.67
CA LYS B 13 10.66 10.11 -0.99
C LYS B 13 10.74 10.65 -2.41
N VAL B 14 9.70 11.37 -2.85
CA VAL B 14 9.58 12.00 -4.16
C VAL B 14 9.41 13.53 -4.01
N TRP B 15 9.49 14.08 -2.79
CA TRP B 15 9.32 15.47 -2.41
C TRP B 15 7.86 15.83 -2.60
N MET A 1 -16.51 -0.41 -18.36
CA MET A 1 -16.12 0.47 -17.25
C MET A 1 -15.80 -0.42 -16.05
N LYS A 2 -14.54 -0.45 -15.62
CA LYS A 2 -14.08 -1.26 -14.50
C LYS A 2 -13.03 -0.46 -13.72
N VAL A 3 -12.69 -0.97 -12.54
CA VAL A 3 -11.70 -0.39 -11.66
C VAL A 3 -10.78 -1.55 -11.25
N PRO A 4 -9.83 -1.95 -12.13
CA PRO A 4 -8.91 -3.04 -11.81
C PRO A 4 -7.97 -2.59 -10.70
N GLY A 5 -7.28 -3.55 -10.08
CA GLY A 5 -6.34 -3.27 -9.02
C GLY A 5 -5.13 -2.56 -9.59
N VAL A 6 -4.36 -1.91 -8.71
CA VAL A 6 -3.16 -1.20 -9.11
C VAL A 6 -2.08 -1.91 -8.32
N ARG A 7 -1.13 -2.55 -9.01
CA ARG A 7 -0.07 -3.25 -8.31
C ARG A 7 0.91 -2.20 -7.82
N VAL A 8 1.15 -2.17 -6.53
CA VAL A 8 2.07 -1.24 -5.91
C VAL A 8 3.06 -2.13 -5.16
N ARG A 9 4.34 -1.79 -5.22
CA ARG A 9 5.42 -2.53 -4.60
C ARG A 9 5.82 -1.82 -3.33
N ALA A 10 5.85 -2.58 -2.24
CA ALA A 10 6.22 -2.09 -0.93
C ALA A 10 7.72 -1.81 -0.88
N LEU A 11 8.08 -0.58 -0.54
CA LEU A 11 9.48 -0.13 -0.47
C LEU A 11 10.24 -0.71 0.74
N TYR A 12 9.56 -1.09 1.82
CA TYR A 12 10.15 -1.66 3.04
C TYR A 12 9.09 -2.51 3.76
N ASP A 13 9.52 -3.34 4.71
CA ASP A 13 8.73 -4.28 5.50
C ASP A 13 8.02 -3.60 6.68
N TYR A 14 6.72 -3.31 6.56
CA TYR A 14 5.85 -2.68 7.58
C TYR A 14 4.49 -3.37 7.53
N THR A 15 3.68 -3.32 8.61
CA THR A 15 2.34 -3.91 8.62
C THR A 15 1.36 -2.96 9.31
N GLY A 16 0.88 -1.98 8.53
CA GLY A 16 -0.10 -1.01 9.02
C GLY A 16 0.35 -0.33 10.32
N GLN A 17 -0.63 0.01 11.15
CA GLN A 17 -0.45 0.63 12.47
C GLN A 17 -1.21 -0.17 13.54
N GLU A 18 -2.01 -1.16 13.17
CA GLU A 18 -2.80 -1.96 14.09
C GLU A 18 -2.97 -3.38 13.57
N ALA A 19 -3.54 -4.26 14.38
CA ALA A 19 -3.78 -5.66 14.07
C ALA A 19 -4.93 -5.88 13.07
N ASP A 20 -5.65 -4.84 12.67
CA ASP A 20 -6.79 -4.88 11.74
C ASP A 20 -6.41 -4.58 10.28
N GLU A 21 -5.13 -4.31 10.05
CA GLU A 21 -4.51 -3.95 8.79
C GLU A 21 -3.79 -5.13 8.14
N LEU A 22 -3.36 -4.90 6.89
CA LEU A 22 -2.64 -5.80 5.99
C LEU A 22 -1.16 -5.81 6.41
N SER A 23 -0.39 -6.78 5.94
CA SER A 23 1.03 -6.90 6.22
C SER A 23 1.76 -7.13 4.91
N PHE A 24 2.82 -6.35 4.62
CA PHE A 24 3.59 -6.51 3.39
C PHE A 24 5.09 -6.48 3.74
N LYS A 25 5.92 -7.02 2.84
CA LYS A 25 7.38 -7.09 2.97
C LYS A 25 7.99 -6.28 1.83
N ALA A 26 9.27 -5.92 1.93
CA ALA A 26 9.95 -5.16 0.90
C ALA A 26 9.94 -5.96 -0.39
N GLY A 27 9.36 -5.40 -1.45
CA GLY A 27 9.26 -6.03 -2.76
C GLY A 27 7.90 -6.69 -3.03
N GLU A 28 7.03 -6.78 -2.02
CA GLU A 28 5.72 -7.40 -2.18
C GLU A 28 4.83 -6.52 -3.07
N GLU A 29 4.04 -7.16 -3.92
CA GLU A 29 3.12 -6.52 -4.84
C GLU A 29 1.71 -6.71 -4.29
N LEU A 30 1.13 -5.62 -3.82
CA LEU A 30 -0.21 -5.59 -3.27
C LEU A 30 -1.08 -4.84 -4.26
N MET A 31 -2.25 -5.37 -4.57
CA MET A 31 -3.18 -4.78 -5.50
C MET A 31 -4.16 -3.89 -4.75
N LYS A 32 -4.04 -2.58 -4.95
CA LYS A 32 -4.92 -1.62 -4.32
C LYS A 32 -6.31 -1.82 -4.90
N ILE A 33 -7.35 -1.87 -4.05
CA ILE A 33 -8.71 -2.08 -4.52
C ILE A 33 -9.68 -0.95 -4.11
N SER A 34 -9.18 0.14 -3.55
CA SER A 34 -9.98 1.27 -3.08
C SER A 34 -9.17 2.56 -3.21
N GLU A 35 -9.72 3.69 -2.81
CA GLU A 35 -9.04 4.97 -2.88
C GLU A 35 -8.04 5.20 -1.73
N GLU A 36 -7.21 6.24 -1.87
CA GLU A 36 -6.25 6.67 -0.88
C GLU A 36 -7.04 7.61 0.04
N ASP A 37 -6.89 7.45 1.35
CA ASP A 37 -7.57 8.26 2.35
C ASP A 37 -6.68 9.41 2.84
N GLU A 38 -7.21 10.24 3.75
CA GLU A 38 -6.56 11.41 4.34
C GLU A 38 -5.21 11.18 5.01
N GLN A 39 -4.93 9.95 5.42
CA GLN A 39 -3.69 9.57 6.07
C GLN A 39 -2.79 8.76 5.16
N GLY A 40 -3.10 8.72 3.85
CA GLY A 40 -2.33 7.94 2.92
C GLY A 40 -2.71 6.48 3.14
N TRP A 41 -3.91 6.20 3.64
CA TRP A 41 -4.36 4.84 3.86
C TRP A 41 -4.92 4.29 2.56
N CYS A 42 -4.85 2.98 2.34
CA CYS A 42 -5.39 2.35 1.14
C CYS A 42 -5.82 0.92 1.49
N LYS A 43 -6.97 0.47 0.99
CA LYS A 43 -7.52 -0.86 1.21
C LYS A 43 -7.28 -1.64 -0.08
N GLY A 44 -6.52 -2.73 0.01
CA GLY A 44 -6.16 -3.59 -1.10
C GLY A 44 -6.09 -5.06 -0.68
N ARG A 45 -5.57 -5.87 -1.59
CA ARG A 45 -5.37 -7.31 -1.42
C ARG A 45 -4.02 -7.72 -1.96
N LEU A 46 -3.34 -8.63 -1.28
CA LEU A 46 -2.04 -9.14 -1.68
C LEU A 46 -2.18 -10.36 -2.55
N LEU A 47 -1.08 -10.72 -3.22
CA LEU A 47 -1.00 -11.90 -4.08
C LEU A 47 -1.30 -13.17 -3.29
N THR A 48 -0.87 -13.23 -2.02
CA THR A 48 -1.10 -14.36 -1.11
C THR A 48 -2.58 -14.40 -0.68
N GLY A 49 -3.42 -13.49 -1.19
CA GLY A 49 -4.85 -13.45 -0.87
C GLY A 49 -5.20 -12.71 0.42
N HIS A 50 -4.21 -12.23 1.17
CA HIS A 50 -4.38 -11.51 2.43
C HIS A 50 -5.05 -10.16 2.12
N VAL A 51 -5.93 -9.69 3.00
CA VAL A 51 -6.66 -8.42 2.86
C VAL A 51 -6.61 -7.62 4.15
N GLY A 52 -6.67 -6.30 4.02
CA GLY A 52 -6.66 -5.36 5.14
C GLY A 52 -6.33 -3.98 4.60
N LEU A 53 -5.91 -3.06 5.46
CA LEU A 53 -5.53 -1.69 5.10
C LEU A 53 -4.01 -1.68 4.97
N TYR A 54 -3.44 -0.93 4.04
CA TYR A 54 -2.01 -0.83 3.80
C TYR A 54 -1.63 0.65 3.72
N PRO A 55 -0.53 1.10 4.34
CA PRO A 55 -0.13 2.49 4.27
C PRO A 55 0.43 2.82 2.87
N ALA A 56 -0.28 3.63 2.09
CA ALA A 56 0.07 4.08 0.75
C ALA A 56 1.42 4.82 0.79
N ASN A 57 1.70 5.53 1.88
CA ASN A 57 2.93 6.29 2.10
C ASN A 57 4.18 5.39 2.10
N TYR A 58 4.01 4.08 2.25
CA TYR A 58 5.10 3.12 2.30
C TYR A 58 5.28 2.29 1.02
N VAL A 59 4.47 2.51 -0.01
CA VAL A 59 4.56 1.74 -1.25
C VAL A 59 4.50 2.69 -2.44
N GLU A 60 4.79 2.17 -3.64
CA GLU A 60 4.75 2.96 -4.86
C GLU A 60 4.37 2.08 -6.03
N LYS A 61 3.95 2.68 -7.15
CA LYS A 61 3.57 1.94 -8.34
C LYS A 61 4.82 1.32 -8.97
N VAL A 62 4.64 0.26 -9.75
CA VAL A 62 5.73 -0.45 -10.41
C VAL A 62 5.22 -1.01 -11.75
N GLY A 63 6.11 -1.49 -12.61
CA GLY A 63 5.78 -2.08 -13.90
C GLY A 63 5.52 -1.08 -15.01
N LEU A 64 4.82 -0.01 -14.69
CA LEU A 64 4.48 1.05 -15.64
C LEU A 64 5.64 2.02 -15.81
N ALA A 65 5.60 2.84 -16.87
CA ALA A 65 6.63 3.81 -17.17
C ALA A 65 6.83 4.79 -16.00
N ALA A 66 8.07 5.25 -15.83
CA ALA A 66 8.46 6.18 -14.77
C ALA A 66 7.87 7.56 -14.98
N ALA A 67 6.80 7.87 -14.25
CA ALA A 67 6.18 9.19 -14.31
C ALA A 67 7.07 10.08 -13.46
N THR B 1 -10.83 8.62 8.99
CA THR B 1 -10.35 7.34 8.44
C THR B 1 -10.08 6.37 9.60
N LYS B 2 -9.68 5.15 9.24
CA LYS B 2 -9.36 4.06 10.14
C LYS B 2 -8.05 4.34 10.89
N GLY B 3 -8.14 5.12 11.97
CA GLY B 3 -7.02 5.48 12.81
C GLY B 3 -5.90 6.27 12.13
N PRO B 4 -4.87 6.63 12.91
CA PRO B 4 -3.71 7.37 12.43
C PRO B 4 -2.70 6.40 11.81
N ALA B 5 -2.61 6.37 10.48
CA ALA B 5 -1.68 5.52 9.75
C ALA B 5 -0.23 5.81 10.19
N PRO B 6 0.76 4.96 9.84
CA PRO B 6 2.14 5.19 10.21
C PRO B 6 2.59 6.45 9.47
N ASN B 7 2.88 7.51 10.24
CA ASN B 7 3.33 8.81 9.75
C ASN B 7 4.11 9.53 10.87
N PRO B 8 5.04 10.45 10.55
CA PRO B 8 5.46 10.85 9.20
C PRO B 8 6.15 9.68 8.47
N PRO B 9 6.23 9.72 7.13
CA PRO B 9 6.87 8.67 6.37
C PRO B 9 8.37 8.60 6.71
N PRO B 10 9.01 7.44 6.51
CA PRO B 10 10.42 7.22 6.81
C PRO B 10 11.28 7.73 5.63
N ILE B 11 12.48 7.16 5.48
CA ILE B 11 13.42 7.48 4.42
C ILE B 11 12.75 7.19 3.08
N LEU B 12 13.06 7.95 2.03
CA LEU B 12 12.57 7.83 0.65
C LEU B 12 13.03 9.07 -0.12
N LYS B 13 12.64 9.17 -1.39
CA LYS B 13 12.95 10.25 -2.33
C LYS B 13 12.10 10.01 -3.57
N VAL B 14 12.41 10.70 -4.67
CA VAL B 14 11.73 10.56 -5.94
C VAL B 14 12.84 10.43 -6.98
N TRP B 15 12.70 9.46 -7.90
CA TRP B 15 13.64 9.16 -8.97
C TRP B 15 15.07 8.96 -8.44
N MET A 1 -19.17 -0.76 -10.96
CA MET A 1 -17.79 -1.00 -10.48
C MET A 1 -16.89 -1.07 -11.69
N LYS A 2 -15.96 -0.13 -11.87
CA LYS A 2 -15.03 -0.10 -13.02
C LYS A 2 -13.66 0.35 -12.54
N VAL A 3 -13.09 -0.32 -11.53
CA VAL A 3 -11.78 0.05 -11.01
C VAL A 3 -10.90 -1.21 -10.86
N PRO A 4 -9.91 -1.41 -11.74
CA PRO A 4 -9.01 -2.57 -11.67
C PRO A 4 -8.02 -2.37 -10.53
N GLY A 5 -7.54 -3.46 -9.92
CA GLY A 5 -6.58 -3.36 -8.86
C GLY A 5 -5.27 -2.96 -9.52
N VAL A 6 -4.50 -2.09 -8.87
CA VAL A 6 -3.23 -1.63 -9.41
C VAL A 6 -2.11 -2.37 -8.70
N ARG A 7 -1.30 -3.09 -9.46
CA ARG A 7 -0.17 -3.84 -8.92
C ARG A 7 0.89 -2.87 -8.43
N VAL A 8 1.28 -2.97 -7.17
CA VAL A 8 2.33 -2.13 -6.58
C VAL A 8 3.25 -3.06 -5.80
N ARG A 9 4.44 -2.58 -5.45
CA ARG A 9 5.44 -3.34 -4.70
C ARG A 9 5.91 -2.45 -3.56
N ALA A 10 6.18 -3.07 -2.41
CA ALA A 10 6.64 -2.38 -1.23
C ALA A 10 8.16 -2.17 -1.26
N LEU A 11 8.57 -0.93 -1.01
CA LEU A 11 9.99 -0.58 -1.01
C LEU A 11 10.59 -0.75 0.39
N TYR A 12 9.79 -1.12 1.39
CA TYR A 12 10.16 -1.33 2.79
C TYR A 12 9.34 -2.53 3.30
N ASP A 13 9.67 -3.06 4.48
CA ASP A 13 8.95 -4.20 5.07
C ASP A 13 8.21 -3.70 6.29
N TYR A 14 6.91 -3.44 6.14
CA TYR A 14 6.02 -2.93 7.18
C TYR A 14 4.71 -3.72 7.16
N THR A 15 4.17 -4.04 8.34
CA THR A 15 2.90 -4.75 8.45
C THR A 15 1.91 -3.77 9.05
N GLY A 16 1.34 -2.92 8.20
CA GLY A 16 0.33 -2.00 8.66
C GLY A 16 0.78 -1.19 9.88
N GLN A 17 -0.20 -0.61 10.57
CA GLN A 17 0.01 0.14 11.81
C GLN A 17 -0.94 -0.31 12.94
N GLU A 18 -2.04 -0.98 12.60
CA GLU A 18 -3.10 -1.48 13.49
C GLU A 18 -3.22 -3.00 13.38
N ALA A 19 -4.22 -3.62 14.00
CA ALA A 19 -4.53 -5.05 13.95
C ALA A 19 -5.41 -5.49 12.74
N ASP A 20 -5.89 -4.56 11.90
CA ASP A 20 -6.82 -4.79 10.76
C ASP A 20 -6.26 -4.36 9.40
N GLU A 21 -4.97 -4.49 9.23
CA GLU A 21 -4.19 -4.10 8.07
C GLU A 21 -3.59 -5.30 7.30
N LEU A 22 -3.01 -5.01 6.15
CA LEU A 22 -2.34 -5.95 5.26
C LEU A 22 -0.88 -5.99 5.66
N SER A 23 -0.23 -7.10 5.37
CA SER A 23 1.17 -7.26 5.70
C SER A 23 1.95 -7.40 4.41
N PHE A 24 3.00 -6.60 4.24
CA PHE A 24 3.84 -6.71 3.06
C PHE A 24 5.29 -6.79 3.53
N LYS A 25 6.16 -7.26 2.64
CA LYS A 25 7.58 -7.42 2.84
C LYS A 25 8.30 -6.88 1.62
N ALA A 26 9.61 -6.72 1.71
CA ALA A 26 10.39 -6.25 0.58
C ALA A 26 10.19 -7.31 -0.51
N GLY A 27 9.64 -6.91 -1.65
CA GLY A 27 9.36 -7.77 -2.79
C GLY A 27 7.89 -8.21 -2.89
N GLU A 28 7.11 -8.23 -1.80
CA GLU A 28 5.70 -8.62 -1.82
C GLU A 28 4.89 -7.61 -2.62
N GLU A 29 4.09 -8.09 -3.55
CA GLU A 29 3.22 -7.26 -4.37
C GLU A 29 1.85 -7.21 -3.67
N LEU A 30 1.05 -6.21 -4.02
CA LEU A 30 -0.28 -5.99 -3.47
C LEU A 30 -1.12 -5.27 -4.51
N MET A 31 -2.45 -5.44 -4.42
CA MET A 31 -3.39 -4.79 -5.33
C MET A 31 -4.36 -3.95 -4.53
N LYS A 32 -4.24 -2.65 -4.68
CA LYS A 32 -5.08 -1.67 -4.05
C LYS A 32 -6.48 -1.89 -4.59
N ILE A 33 -7.50 -1.69 -3.75
CA ILE A 33 -8.87 -1.87 -4.21
C ILE A 33 -9.80 -0.68 -3.92
N SER A 34 -9.31 0.36 -3.22
CA SER A 34 -10.05 1.57 -2.91
C SER A 34 -9.11 2.76 -3.16
N GLU A 35 -9.56 3.99 -2.91
CA GLU A 35 -8.73 5.18 -3.07
C GLU A 35 -7.91 5.42 -1.79
N GLU A 36 -6.96 6.34 -1.88
CA GLU A 36 -6.10 6.72 -0.78
C GLU A 36 -6.86 7.68 0.15
N ASP A 37 -6.82 7.37 1.44
CA ASP A 37 -7.47 8.12 2.51
C ASP A 37 -6.58 9.28 2.96
N GLU A 38 -7.08 10.16 3.82
CA GLU A 38 -6.40 11.34 4.36
C GLU A 38 -5.06 11.03 5.02
N GLN A 39 -4.92 9.85 5.63
CA GLN A 39 -3.70 9.41 6.31
C GLN A 39 -2.76 8.68 5.32
N GLY A 40 -3.04 8.72 4.02
CA GLY A 40 -2.22 8.03 3.02
C GLY A 40 -2.47 6.53 3.18
N TRP A 41 -3.65 6.14 3.67
CA TRP A 41 -4.05 4.77 3.88
C TRP A 41 -4.65 4.26 2.59
N CYS A 42 -4.41 2.98 2.29
CA CYS A 42 -4.92 2.35 1.10
C CYS A 42 -5.47 0.98 1.48
N LYS A 43 -6.73 0.70 1.17
CA LYS A 43 -7.43 -0.55 1.44
C LYS A 43 -7.32 -1.43 0.19
N GLY A 44 -6.51 -2.48 0.25
CA GLY A 44 -6.27 -3.39 -0.86
C GLY A 44 -6.41 -4.86 -0.51
N ARG A 45 -5.98 -5.72 -1.44
CA ARG A 45 -5.98 -7.17 -1.36
C ARG A 45 -4.60 -7.69 -1.73
N LEU A 46 -3.99 -8.47 -0.84
CA LEU A 46 -2.67 -9.08 -1.03
C LEU A 46 -2.77 -10.17 -2.08
N LEU A 47 -1.65 -10.64 -2.63
CA LEU A 47 -1.62 -11.69 -3.66
C LEU A 47 -2.24 -12.99 -3.14
N THR A 48 -2.01 -13.34 -1.88
CA THR A 48 -2.52 -14.56 -1.24
C THR A 48 -4.05 -14.47 -0.97
N GLY A 49 -4.69 -13.32 -1.21
CA GLY A 49 -6.11 -13.11 -0.99
C GLY A 49 -6.42 -12.38 0.32
N HIS A 50 -5.42 -12.19 1.18
CA HIS A 50 -5.57 -11.47 2.45
C HIS A 50 -6.07 -10.06 2.12
N VAL A 51 -6.92 -9.46 2.95
CA VAL A 51 -7.48 -8.12 2.71
C VAL A 51 -7.18 -7.22 3.90
N GLY A 52 -7.05 -5.90 3.69
CA GLY A 52 -6.78 -4.96 4.76
C GLY A 52 -6.23 -3.64 4.23
N LEU A 53 -5.84 -2.77 5.16
CA LEU A 53 -5.26 -1.46 4.90
C LEU A 53 -3.73 -1.57 4.82
N TYR A 54 -3.05 -0.80 3.96
CA TYR A 54 -1.60 -0.79 3.79
C TYR A 54 -1.17 0.69 3.68
N PRO A 55 0.00 1.08 4.22
CA PRO A 55 0.45 2.46 4.15
C PRO A 55 0.91 2.78 2.73
N ALA A 56 0.15 3.60 2.00
CA ALA A 56 0.45 4.00 0.63
C ALA A 56 1.83 4.62 0.47
N ASN A 57 2.30 5.36 1.48
CA ASN A 57 3.59 6.03 1.44
C ASN A 57 4.78 5.07 1.43
N TYR A 58 4.60 3.78 1.74
CA TYR A 58 5.68 2.79 1.82
C TYR A 58 5.74 1.88 0.58
N VAL A 59 4.90 2.10 -0.43
CA VAL A 59 4.88 1.26 -1.62
C VAL A 59 4.78 2.14 -2.87
N GLU A 60 5.13 1.61 -4.04
CA GLU A 60 5.09 2.35 -5.30
C GLU A 60 4.75 1.37 -6.43
N LYS A 61 4.24 1.90 -7.55
CA LYS A 61 3.90 1.12 -8.73
C LYS A 61 5.18 0.51 -9.27
N VAL A 62 5.06 -0.58 -10.03
CA VAL A 62 6.22 -1.24 -10.61
C VAL A 62 5.81 -1.83 -11.95
N GLY A 63 6.79 -2.09 -12.82
CA GLY A 63 6.56 -2.67 -14.13
C GLY A 63 7.26 -1.89 -15.22
N LEU A 64 7.12 -0.56 -15.18
CA LEU A 64 7.75 0.34 -16.16
C LEU A 64 9.26 0.43 -15.89
N ALA A 65 9.95 1.14 -16.77
CA ALA A 65 11.39 1.42 -16.73
C ALA A 65 11.54 2.92 -16.46
N ALA A 66 12.76 3.40 -16.24
CA ALA A 66 13.09 4.80 -15.94
C ALA A 66 12.31 5.31 -14.71
N ALA A 67 12.74 4.84 -13.54
CA ALA A 67 12.24 5.14 -12.21
C ALA A 67 13.29 4.64 -11.23
N THR B 1 -10.47 6.79 7.27
CA THR B 1 -9.25 6.49 8.04
C THR B 1 -9.62 5.74 9.32
N LYS B 2 -9.33 4.44 9.43
CA LYS B 2 -9.68 3.68 10.64
C LYS B 2 -8.80 4.02 11.85
N GLY B 3 -7.61 4.58 11.64
CA GLY B 3 -6.67 4.96 12.69
C GLY B 3 -5.47 5.63 12.04
N PRO B 4 -4.60 6.32 12.79
CA PRO B 4 -3.44 7.00 12.26
C PRO B 4 -2.40 5.98 11.76
N ALA B 5 -2.02 6.16 10.50
CA ALA B 5 -1.05 5.38 9.74
C ALA B 5 0.39 5.67 10.23
N PRO B 6 1.42 5.03 9.65
CA PRO B 6 2.82 5.19 10.04
C PRO B 6 3.53 6.35 9.35
N ASN B 7 2.76 7.03 8.51
CA ASN B 7 3.19 8.19 7.73
C ASN B 7 3.84 9.27 8.61
N PRO B 8 4.80 10.07 8.11
CA PRO B 8 5.38 10.06 6.77
C PRO B 8 6.21 8.79 6.49
N PRO B 9 6.60 8.53 5.23
CA PRO B 9 7.40 7.35 4.91
C PRO B 9 8.84 7.50 5.39
N PRO B 10 9.60 6.39 5.46
CA PRO B 10 10.98 6.40 5.89
C PRO B 10 11.84 7.20 4.91
N ILE B 11 11.88 6.78 3.63
CA ILE B 11 12.70 7.44 2.61
C ILE B 11 12.00 7.65 1.24
N LEU B 12 10.79 7.11 1.03
CA LEU B 12 10.07 7.24 -0.25
C LEU B 12 9.59 8.67 -0.51
N LYS B 13 9.66 9.14 -1.77
CA LYS B 13 9.25 10.49 -2.18
C LYS B 13 8.39 10.47 -3.45
N VAL B 14 8.01 11.65 -3.97
CA VAL B 14 7.17 11.84 -5.16
C VAL B 14 7.76 12.93 -6.10
N TRP B 15 8.90 13.56 -5.78
CA TRP B 15 9.53 14.58 -6.61
C TRP B 15 11.01 14.60 -6.29
N MET A 1 -14.85 3.65 -14.22
CA MET A 1 -14.79 2.42 -15.02
C MET A 1 -14.26 1.27 -14.17
N LYS A 2 -14.98 0.93 -13.09
CA LYS A 2 -14.66 -0.14 -12.13
C LYS A 2 -13.40 0.19 -11.33
N VAL A 3 -13.02 -0.71 -10.43
CA VAL A 3 -11.86 -0.58 -9.55
C VAL A 3 -10.94 -1.78 -9.77
N PRO A 4 -10.20 -1.85 -10.89
CA PRO A 4 -9.28 -2.96 -11.12
C PRO A 4 -8.14 -2.83 -10.10
N GLY A 5 -7.60 -3.96 -9.64
CA GLY A 5 -6.50 -3.94 -8.69
C GLY A 5 -5.32 -3.20 -9.29
N VAL A 6 -4.64 -2.37 -8.50
CA VAL A 6 -3.48 -1.63 -8.97
C VAL A 6 -2.29 -2.42 -8.43
N ARG A 7 -1.48 -2.96 -9.32
CA ARG A 7 -0.31 -3.75 -8.99
C ARG A 7 0.77 -2.79 -8.52
N VAL A 8 1.17 -2.91 -7.26
CA VAL A 8 2.20 -2.08 -6.66
C VAL A 8 3.14 -3.04 -5.92
N ARG A 9 4.47 -2.91 -6.08
CA ARG A 9 5.44 -3.81 -5.41
C ARG A 9 6.00 -3.05 -4.23
N ALA A 10 5.77 -3.53 -3.01
CA ALA A 10 6.21 -2.84 -1.80
C ALA A 10 7.72 -2.65 -1.83
N LEU A 11 8.16 -1.45 -1.49
CA LEU A 11 9.55 -1.05 -1.49
C LEU A 11 10.26 -1.28 -0.15
N TYR A 12 9.52 -1.29 0.95
CA TYR A 12 10.07 -1.46 2.30
C TYR A 12 9.31 -2.54 3.07
N ASP A 13 9.91 -2.99 4.16
CA ASP A 13 9.40 -4.04 5.03
C ASP A 13 8.66 -3.48 6.24
N TYR A 14 7.34 -3.27 6.13
CA TYR A 14 6.49 -2.72 7.19
C TYR A 14 5.16 -3.46 7.26
N THR A 15 4.52 -3.43 8.43
CA THR A 15 3.25 -4.09 8.65
C THR A 15 2.30 -3.17 9.45
N GLY A 16 1.67 -2.23 8.74
CA GLY A 16 0.67 -1.33 9.34
C GLY A 16 1.09 -0.60 10.62
N GLN A 17 0.09 -0.07 11.32
CA GLN A 17 0.20 0.61 12.61
C GLN A 17 -0.81 0.08 13.66
N GLU A 18 -1.76 -0.79 13.31
CA GLU A 18 -2.79 -1.25 14.25
C GLU A 18 -3.02 -2.76 14.14
N ALA A 19 -4.00 -3.30 14.86
CA ALA A 19 -4.36 -4.72 14.83
C ALA A 19 -5.32 -5.09 13.69
N ASP A 20 -5.78 -4.14 12.86
CA ASP A 20 -6.74 -4.43 11.77
C ASP A 20 -6.40 -3.87 10.38
N GLU A 21 -5.11 -3.82 10.08
CA GLU A 21 -4.43 -3.38 8.89
C GLU A 21 -3.86 -4.61 8.15
N LEU A 22 -3.32 -4.40 6.96
CA LEU A 22 -2.70 -5.37 6.07
C LEU A 22 -1.20 -5.41 6.34
N SER A 23 -0.51 -6.46 5.90
CA SER A 23 0.92 -6.63 6.12
C SER A 23 1.60 -7.05 4.83
N PHE A 24 2.70 -6.39 4.42
CA PHE A 24 3.42 -6.72 3.20
C PHE A 24 4.93 -6.66 3.49
N LYS A 25 5.78 -7.20 2.60
CA LYS A 25 7.23 -7.18 2.76
C LYS A 25 7.83 -6.57 1.50
N ALA A 26 9.05 -6.04 1.58
CA ALA A 26 9.70 -5.43 0.42
C ALA A 26 9.84 -6.50 -0.66
N GLY A 27 9.23 -6.25 -1.82
CA GLY A 27 9.23 -7.12 -2.98
C GLY A 27 7.87 -7.76 -3.25
N GLU A 28 6.94 -7.70 -2.29
CA GLU A 28 5.63 -8.28 -2.43
C GLU A 28 4.75 -7.39 -3.34
N GLU A 29 4.09 -7.97 -4.35
CA GLU A 29 3.22 -7.24 -5.26
C GLU A 29 1.80 -7.33 -4.71
N LEU A 30 1.27 -6.23 -4.20
CA LEU A 30 -0.09 -6.14 -3.65
C LEU A 30 -0.98 -5.44 -4.68
N MET A 31 -2.28 -5.68 -4.55
CA MET A 31 -3.30 -5.10 -5.41
C MET A 31 -4.14 -4.11 -4.60
N LYS A 32 -4.01 -2.82 -4.88
CA LYS A 32 -4.81 -1.81 -4.18
C LYS A 32 -6.27 -2.00 -4.59
N ILE A 33 -7.23 -1.76 -3.69
CA ILE A 33 -8.65 -1.92 -4.01
C ILE A 33 -9.53 -0.74 -3.54
N SER A 34 -8.95 0.33 -3.01
CA SER A 34 -9.64 1.52 -2.50
C SER A 34 -8.83 2.76 -2.91
N GLU A 35 -9.28 3.94 -2.49
CA GLU A 35 -8.68 5.25 -2.71
C GLU A 35 -7.56 5.54 -1.69
N GLU A 36 -6.78 6.61 -1.91
CA GLU A 36 -5.72 7.12 -1.05
C GLU A 36 -6.47 7.93 0.02
N ASP A 37 -6.40 7.51 1.28
CA ASP A 37 -7.05 8.24 2.37
C ASP A 37 -6.10 9.38 2.79
N GLU A 38 -6.60 10.35 3.56
CA GLU A 38 -5.81 11.50 3.98
C GLU A 38 -4.55 11.18 4.79
N GLN A 39 -4.54 10.08 5.54
CA GLN A 39 -3.40 9.66 6.35
C GLN A 39 -2.49 8.72 5.55
N GLY A 40 -2.71 8.63 4.24
CA GLY A 40 -1.95 7.79 3.36
C GLY A 40 -2.38 6.33 3.51
N TRP A 41 -3.63 6.07 3.93
CA TRP A 41 -4.17 4.74 4.11
C TRP A 41 -4.80 4.26 2.80
N CYS A 42 -4.52 3.02 2.40
CA CYS A 42 -5.06 2.44 1.19
C CYS A 42 -5.60 1.05 1.52
N LYS A 43 -6.88 0.79 1.28
CA LYS A 43 -7.45 -0.53 1.53
C LYS A 43 -7.12 -1.37 0.30
N GLY A 44 -6.55 -2.55 0.48
CA GLY A 44 -6.18 -3.41 -0.64
C GLY A 44 -6.17 -4.87 -0.26
N ARG A 45 -5.66 -5.69 -1.18
CA ARG A 45 -5.53 -7.14 -1.03
C ARG A 45 -4.15 -7.60 -1.50
N LEU A 46 -3.53 -8.57 -0.82
CA LEU A 46 -2.23 -9.13 -1.20
C LEU A 46 -2.50 -10.19 -2.27
N LEU A 47 -1.45 -10.68 -2.92
CA LEU A 47 -1.58 -11.74 -3.92
C LEU A 47 -2.06 -13.03 -3.24
N THR A 48 -1.75 -13.20 -1.96
CA THR A 48 -2.13 -14.34 -1.14
C THR A 48 -3.63 -14.26 -0.80
N GLY A 49 -4.26 -13.13 -1.11
CA GLY A 49 -5.67 -12.90 -0.84
C GLY A 49 -5.93 -12.22 0.50
N HIS A 50 -4.88 -11.94 1.30
CA HIS A 50 -5.03 -11.29 2.60
C HIS A 50 -5.56 -9.87 2.35
N VAL A 51 -6.53 -9.38 3.14
CA VAL A 51 -7.15 -8.05 2.99
C VAL A 51 -6.94 -7.16 4.23
N GLY A 52 -6.85 -5.84 4.03
CA GLY A 52 -6.68 -4.88 5.10
C GLY A 52 -6.27 -3.51 4.57
N LEU A 53 -6.00 -2.59 5.50
CA LEU A 53 -5.55 -1.22 5.27
C LEU A 53 -4.02 -1.28 5.18
N TYR A 54 -3.39 -0.69 4.18
CA TYR A 54 -1.96 -0.68 3.98
C TYR A 54 -1.51 0.77 3.78
N PRO A 55 -0.33 1.16 4.29
CA PRO A 55 0.17 2.52 4.15
C PRO A 55 0.69 2.80 2.74
N ALA A 56 -0.08 3.53 1.94
CA ALA A 56 0.24 3.92 0.55
C ALA A 56 1.63 4.54 0.44
N ASN A 57 2.06 5.29 1.45
CA ASN A 57 3.36 5.96 1.51
C ASN A 57 4.55 5.02 1.39
N TYR A 58 4.37 3.74 1.71
CA TYR A 58 5.41 2.70 1.69
C TYR A 58 5.33 1.84 0.42
N VAL A 59 4.51 2.21 -0.56
CA VAL A 59 4.32 1.45 -1.79
C VAL A 59 4.40 2.38 -3.01
N GLU A 60 4.64 1.83 -4.20
CA GLU A 60 4.73 2.50 -5.49
C GLU A 60 4.41 1.49 -6.60
N LYS A 61 3.75 1.94 -7.67
CA LYS A 61 3.40 1.12 -8.81
C LYS A 61 4.67 0.59 -9.45
N VAL A 62 4.53 -0.54 -10.14
CA VAL A 62 5.63 -1.17 -10.85
C VAL A 62 5.05 -1.65 -12.19
N GLY A 63 5.87 -2.06 -13.15
CA GLY A 63 5.42 -2.54 -14.44
C GLY A 63 5.88 -1.63 -15.58
N LEU A 64 5.34 -0.42 -15.67
CA LEU A 64 5.70 0.52 -16.74
C LEU A 64 7.09 1.14 -16.54
N ALA A 65 7.56 1.83 -17.57
CA ALA A 65 8.83 2.52 -17.64
C ALA A 65 8.59 3.97 -18.08
N ALA A 66 7.78 4.70 -17.31
CA ALA A 66 7.44 6.10 -17.56
C ALA A 66 7.10 6.74 -16.21
N ALA A 67 5.87 6.52 -15.73
CA ALA A 67 5.34 7.01 -14.46
C ALA A 67 4.19 6.07 -14.09
N THR B 1 -9.40 9.81 9.87
CA THR B 1 -9.30 8.55 9.13
C THR B 1 -9.63 7.38 10.07
N LYS B 2 -9.38 6.14 9.63
CA LYS B 2 -9.61 4.91 10.38
C LYS B 2 -8.78 4.94 11.67
N GLY B 3 -7.47 5.14 11.52
CA GLY B 3 -6.52 5.21 12.63
C GLY B 3 -5.23 5.88 12.15
N PRO B 4 -4.31 6.23 13.06
CA PRO B 4 -3.06 6.90 12.74
C PRO B 4 -2.10 6.00 11.96
N ALA B 5 -2.06 6.19 10.64
CA ALA B 5 -1.20 5.45 9.75
C ALA B 5 0.29 5.75 10.01
N PRO B 6 1.22 4.92 9.50
CA PRO B 6 2.67 5.06 9.63
C PRO B 6 3.31 6.34 9.07
N ASN B 7 2.52 7.07 8.27
CA ASN B 7 2.85 8.33 7.58
C ASN B 7 3.61 9.30 8.50
N PRO B 8 4.46 10.20 7.97
CA PRO B 8 4.81 10.44 6.56
C PRO B 8 5.67 9.34 5.91
N PRO B 9 5.95 9.42 4.59
CA PRO B 9 6.80 8.43 3.92
C PRO B 9 8.19 8.45 4.59
N PRO B 10 8.79 7.28 4.85
CA PRO B 10 10.09 7.13 5.50
C PRO B 10 11.32 7.61 4.72
N ILE B 11 11.79 6.80 3.77
CA ILE B 11 12.94 7.02 2.91
C ILE B 11 12.53 6.69 1.47
N LEU B 12 13.22 7.24 0.47
CA LEU B 12 12.99 7.07 -0.98
C LEU B 12 11.64 7.68 -1.38
N LYS B 13 11.57 8.34 -2.55
CA LYS B 13 10.36 8.98 -3.11
C LYS B 13 9.46 9.60 -2.03
N VAL B 14 10.06 10.44 -1.19
CA VAL B 14 9.44 11.17 -0.08
C VAL B 14 8.28 12.05 -0.54
N TRP B 15 8.31 12.43 -1.81
CA TRP B 15 7.37 13.24 -2.55
C TRP B 15 7.52 12.82 -4.00
#